data_1BX2
#
_entry.id   1BX2
#
_cell.length_a   95.403
_cell.length_b   95.403
_cell.length_c   295.219
_cell.angle_alpha   90.00
_cell.angle_beta   90.00
_cell.angle_gamma   90.00
#
_symmetry.space_group_name_H-M   'P 43 21 2'
#
loop_
_entity.id
_entity.type
_entity.pdbx_description
1 polymer 'PROTEIN (HLA-DR2)'
2 polymer 'PROTEIN (HLA-DR2)'
3 polymer 'PROTEIN (HLA-DR2)'
4 non-polymer 2-acetamido-2-deoxy-beta-D-glucopyranose
5 water water
#
loop_
_entity_poly.entity_id
_entity_poly.type
_entity_poly.pdbx_seq_one_letter_code
_entity_poly.pdbx_strand_id
1 'polypeptide(L)'
;KEEHVIIQAEFYLNPDQSGEFMFDFDGDEIFHVDMAKKETVWRLEEFGRFASFEAQGALANIAVDKANLEIMTKRSNYTP
ITNVPPEVTVLTNSPVELREPNVLICFIDKFTPPVVNVTWLRNGKPVTTGVSETVFLPREDHLFRKFHYLPFLPSTEDVY
DCRVEHWGLDEPLLKHWEFD
;
A,D
2 'polypeptide(L)'
;TRPRFLWQPKRECHFFNGTERVRFLDRYFYNQEESVRFDSDVGEFRAVTELGRPDAEYWNSQKDILEQARAAVDTYCRHN
YGVVESFTVQRRVQPKVTVYPSKTQPLQHHNLLVCSVSGFYPGSIEVRWFLNGQEEKAGMVSTGLIQNGDWTFQTLVMLE
TVPRSGEVYTCQVEHPSVTSPLTVEWRARSE
;
B,E
3 'polypeptide(L)' ENPVVHFFKNIVTPR C,F
#
# COMPACT_ATOMS: atom_id res chain seq x y z
N LYS A 1 -14.66 14.54 -13.25
CA LYS A 1 -13.23 14.95 -13.06
C LYS A 1 -13.08 15.73 -11.75
N GLU A 2 -11.88 16.21 -11.48
CA GLU A 2 -11.59 16.98 -10.28
C GLU A 2 -10.26 17.64 -10.54
N GLU A 3 -10.24 18.96 -10.50
CA GLU A 3 -9.01 19.66 -10.78
C GLU A 3 -8.02 19.73 -9.63
N HIS A 4 -8.43 20.34 -8.51
CA HIS A 4 -7.50 20.47 -7.38
C HIS A 4 -8.16 20.30 -6.04
N VAL A 5 -7.35 20.16 -5.01
CA VAL A 5 -7.85 19.97 -3.67
C VAL A 5 -6.90 20.61 -2.68
N ILE A 6 -7.46 21.36 -1.73
CA ILE A 6 -6.64 21.99 -0.71
C ILE A 6 -7.12 21.35 0.58
N ILE A 7 -6.19 21.01 1.45
CA ILE A 7 -6.56 20.36 2.69
C ILE A 7 -5.87 20.94 3.89
N GLN A 8 -6.66 21.19 4.91
CA GLN A 8 -6.12 21.71 6.14
C GLN A 8 -6.20 20.53 7.06
N ALA A 9 -5.06 19.92 7.31
CA ALA A 9 -5.02 18.77 8.17
C ALA A 9 -4.29 19.08 9.46
N GLU A 10 -4.73 18.43 10.52
CA GLU A 10 -4.12 18.59 11.82
C GLU A 10 -4.34 17.31 12.61
N PHE A 11 -3.66 17.19 13.74
CA PHE A 11 -3.80 16.00 14.57
C PHE A 11 -3.14 16.15 15.91
N TYR A 12 -3.63 15.37 16.87
CA TYR A 12 -3.05 15.33 18.21
C TYR A 12 -2.93 13.87 18.58
N LEU A 13 -1.81 13.54 19.21
CA LEU A 13 -1.51 12.18 19.59
C LEU A 13 -1.09 12.06 21.06
N ASN A 14 -1.75 11.18 21.79
CA ASN A 14 -1.46 10.92 23.20
C ASN A 14 -1.03 9.46 23.28
N PRO A 15 -0.13 9.10 24.21
CA PRO A 15 0.52 9.91 25.28
C PRO A 15 1.54 10.96 24.86
N ASP A 16 2.23 10.71 23.75
CA ASP A 16 3.26 11.61 23.25
C ASP A 16 2.99 13.12 23.35
N GLN A 17 1.72 13.51 23.35
CA GLN A 17 1.33 14.92 23.44
C GLN A 17 1.90 15.74 22.29
N SER A 18 1.90 15.17 21.09
CA SER A 18 2.43 15.86 19.91
C SER A 18 1.32 16.16 18.92
N GLY A 19 1.34 17.38 18.39
CA GLY A 19 0.32 17.77 17.42
C GLY A 19 0.93 18.33 16.16
N GLU A 20 0.08 18.62 15.18
CA GLU A 20 0.54 19.15 13.91
C GLU A 20 -0.57 19.90 13.18
N PHE A 21 -0.18 20.94 12.46
CA PHE A 21 -1.11 21.76 11.68
C PHE A 21 -0.43 22.09 10.35
N MET A 22 -1.12 21.83 9.24
CA MET A 22 -0.55 22.12 7.93
C MET A 22 -1.59 22.24 6.82
N PHE A 23 -1.15 22.79 5.70
CA PHE A 23 -1.98 22.97 4.53
C PHE A 23 -1.36 22.15 3.41
N ASP A 24 -2.22 21.53 2.62
CA ASP A 24 -1.78 20.64 1.56
C ASP A 24 -2.45 20.98 0.23
N PHE A 25 -1.67 21.08 -0.83
CA PHE A 25 -2.24 21.35 -2.15
C PHE A 25 -1.91 20.20 -3.09
N ASP A 26 -2.93 19.48 -3.53
CA ASP A 26 -2.74 18.37 -4.46
C ASP A 26 -1.61 17.42 -4.03
N GLY A 27 -1.50 17.16 -2.74
CA GLY A 27 -0.47 16.25 -2.26
C GLY A 27 0.77 16.90 -1.70
N ASP A 28 1.10 18.10 -2.13
CA ASP A 28 2.30 18.77 -1.63
C ASP A 28 1.99 19.72 -0.48
N GLU A 29 2.92 19.84 0.47
CA GLU A 29 2.69 20.71 1.61
C GLU A 29 2.91 22.18 1.31
N ILE A 30 1.93 23.02 1.62
CA ILE A 30 2.13 24.43 1.38
C ILE A 30 2.88 25.02 2.56
N PHE A 31 2.44 24.67 3.77
CA PHE A 31 3.09 25.12 5.00
C PHE A 31 2.58 24.35 6.22
N HIS A 32 3.26 24.50 7.34
CA HIS A 32 2.87 23.87 8.60
C HIS A 32 3.35 24.80 9.72
N VAL A 33 2.70 24.74 10.86
CA VAL A 33 3.07 25.60 11.98
C VAL A 33 3.98 24.86 12.96
N ASP A 34 5.13 25.46 13.24
CA ASP A 34 6.10 24.89 14.17
C ASP A 34 5.54 25.00 15.59
N MET A 35 5.07 23.87 16.13
CA MET A 35 4.47 23.85 17.46
C MET A 35 5.38 24.35 18.58
N ALA A 36 6.70 24.17 18.45
CA ALA A 36 7.63 24.60 19.49
C ALA A 36 8.13 26.04 19.37
N LYS A 37 8.44 26.50 18.15
CA LYS A 37 8.94 27.86 17.97
C LYS A 37 7.77 28.81 17.67
N LYS A 38 6.56 28.24 17.65
CA LYS A 38 5.34 28.99 17.37
C LYS A 38 5.47 29.91 16.17
N GLU A 39 5.74 29.33 14.99
CA GLU A 39 5.88 30.10 13.77
C GLU A 39 5.54 29.28 12.52
N THR A 40 4.82 29.90 11.59
CA THR A 40 4.42 29.20 10.37
C THR A 40 5.65 28.99 9.50
N VAL A 41 5.74 27.81 8.88
CA VAL A 41 6.88 27.48 8.04
C VAL A 41 6.48 27.06 6.64
N TRP A 42 6.88 27.87 5.66
CA TRP A 42 6.57 27.61 4.28
C TRP A 42 7.43 26.50 3.72
N ARG A 43 6.80 25.59 3.00
CA ARG A 43 7.54 24.48 2.42
C ARG A 43 8.68 25.03 1.55
N LEU A 44 8.37 26.00 0.69
CA LEU A 44 9.37 26.61 -0.18
C LEU A 44 9.45 28.09 0.17
N GLU A 45 10.66 28.61 0.40
CA GLU A 45 10.84 30.02 0.75
C GLU A 45 9.90 30.98 0.01
N GLU A 46 9.99 30.95 -1.33
CA GLU A 46 9.18 31.80 -2.19
C GLU A 46 7.73 31.96 -1.76
N PHE A 47 7.13 30.86 -1.33
CA PHE A 47 5.74 30.87 -0.90
C PHE A 47 5.47 32.02 0.06
N GLY A 48 6.33 32.18 1.05
CA GLY A 48 6.15 33.23 2.05
C GLY A 48 5.96 34.63 1.48
N ARG A 49 6.58 34.90 0.34
CA ARG A 49 6.48 36.20 -0.31
C ARG A 49 5.19 36.35 -1.11
N PHE A 50 4.23 35.46 -0.88
CA PHE A 50 2.97 35.48 -1.62
C PHE A 50 1.76 35.52 -0.70
N ALA A 51 1.86 34.85 0.44
CA ALA A 51 0.77 34.81 1.37
C ALA A 51 1.32 34.94 2.77
N SER A 52 0.44 34.82 3.74
CA SER A 52 0.82 34.91 5.14
C SER A 52 -0.17 34.13 5.99
N PHE A 53 0.27 33.73 7.17
CA PHE A 53 -0.59 33.00 8.09
C PHE A 53 -0.17 33.32 9.52
N GLU A 54 -1.15 33.61 10.37
CA GLU A 54 -0.89 33.92 11.78
C GLU A 54 -0.74 32.66 12.61
N ALA A 55 0.50 32.26 12.85
CA ALA A 55 0.82 31.07 13.62
C ALA A 55 -0.05 30.81 14.86
N GLN A 56 -0.60 31.88 15.43
CA GLN A 56 -1.42 31.73 16.63
C GLN A 56 -2.67 30.91 16.44
N GLY A 57 -3.36 31.11 15.32
CA GLY A 57 -4.58 30.36 15.05
C GLY A 57 -4.33 28.85 15.19
N ALA A 58 -3.20 28.41 14.65
CA ALA A 58 -2.84 27.00 14.70
C ALA A 58 -2.68 26.49 16.14
N LEU A 59 -1.89 27.18 16.95
CA LEU A 59 -1.67 26.77 18.34
C LEU A 59 -2.98 26.69 19.12
N ALA A 60 -3.94 27.53 18.76
CA ALA A 60 -5.23 27.56 19.42
C ALA A 60 -6.03 26.33 19.02
N ASN A 61 -6.11 26.11 17.71
CA ASN A 61 -6.84 24.97 17.14
C ASN A 61 -6.30 23.64 17.68
N ILE A 62 -5.00 23.60 17.96
CA ILE A 62 -4.37 22.37 18.48
C ILE A 62 -4.85 22.13 19.90
N ALA A 63 -4.90 23.20 20.70
CA ALA A 63 -5.36 23.10 22.06
C ALA A 63 -6.72 22.41 22.05
N VAL A 64 -7.63 22.88 21.20
CA VAL A 64 -8.95 22.28 21.09
C VAL A 64 -8.87 20.80 20.73
N ASP A 65 -7.89 20.45 19.90
CA ASP A 65 -7.70 19.06 19.49
C ASP A 65 -7.33 18.18 20.68
N LYS A 66 -6.43 18.68 21.51
CA LYS A 66 -5.97 17.97 22.70
C LYS A 66 -7.19 17.64 23.56
N ALA A 67 -8.08 18.61 23.71
CA ALA A 67 -9.29 18.42 24.51
C ALA A 67 -10.22 17.39 23.91
N ASN A 68 -10.51 17.53 22.62
CA ASN A 68 -11.41 16.61 21.93
C ASN A 68 -10.90 15.17 21.89
N LEU A 69 -9.58 15.00 21.91
CA LEU A 69 -9.01 13.66 21.88
C LEU A 69 -9.25 13.01 23.23
N GLU A 70 -9.14 13.78 24.31
CA GLU A 70 -9.36 13.26 25.64
C GLU A 70 -10.84 12.89 25.86
N ILE A 71 -11.73 13.48 25.06
CA ILE A 71 -13.16 13.20 25.16
C ILE A 71 -13.47 11.96 24.35
N MET A 72 -12.97 11.96 23.10
CA MET A 72 -13.18 10.86 22.17
C MET A 72 -12.56 9.57 22.70
N THR A 73 -11.44 9.73 23.40
CA THR A 73 -10.72 8.61 23.99
C THR A 73 -11.67 7.93 24.96
N LYS A 74 -12.06 8.67 25.99
CA LYS A 74 -12.96 8.16 27.00
C LYS A 74 -14.24 7.63 26.37
N ARG A 75 -14.79 8.41 25.44
CA ARG A 75 -16.02 8.00 24.79
C ARG A 75 -15.81 6.73 24.00
N SER A 76 -14.58 6.52 23.52
CA SER A 76 -14.26 5.33 22.74
C SER A 76 -14.10 4.09 23.65
N ASN A 77 -14.06 4.35 24.95
CA ASN A 77 -13.90 3.33 25.99
C ASN A 77 -12.43 2.97 26.12
N TYR A 78 -11.56 3.82 25.56
CA TYR A 78 -10.13 3.64 25.61
C TYR A 78 -9.53 2.63 24.63
N THR A 79 -10.15 2.49 23.46
CA THR A 79 -9.63 1.57 22.44
C THR A 79 -8.49 2.33 21.72
N PRO A 80 -7.28 1.76 21.69
CA PRO A 80 -6.16 2.42 21.04
C PRO A 80 -6.05 2.18 19.53
N ILE A 81 -5.10 2.86 18.89
CA ILE A 81 -4.89 2.72 17.46
C ILE A 81 -4.11 1.46 17.21
N THR A 82 -4.33 0.82 16.08
CA THR A 82 -3.55 -0.37 15.77
C THR A 82 -2.45 0.07 14.82
N ASN A 83 -1.20 -0.14 15.24
CA ASN A 83 -0.05 0.24 14.43
C ASN A 83 -0.10 -0.33 13.03
N VAL A 84 0.29 0.49 12.07
CA VAL A 84 0.36 0.08 10.67
C VAL A 84 1.77 0.47 10.25
N PRO A 85 2.57 -0.52 9.86
CA PRO A 85 3.96 -0.32 9.44
C PRO A 85 4.11 0.33 8.07
N PRO A 86 5.13 1.19 7.93
CA PRO A 86 5.45 1.93 6.71
C PRO A 86 5.91 1.12 5.52
N GLU A 87 6.03 1.81 4.40
CA GLU A 87 6.47 1.22 3.15
C GLU A 87 7.63 2.07 2.68
N VAL A 88 8.81 1.79 3.22
CA VAL A 88 10.00 2.54 2.86
C VAL A 88 10.53 2.22 1.47
N THR A 89 11.10 3.23 0.82
CA THR A 89 11.68 3.06 -0.49
C THR A 89 12.69 4.18 -0.72
N VAL A 90 13.86 3.86 -1.24
CA VAL A 90 14.87 4.87 -1.45
C VAL A 90 15.07 5.14 -2.93
N LEU A 91 15.22 6.42 -3.25
CA LEU A 91 15.37 6.86 -4.62
C LEU A 91 16.41 7.94 -4.71
N THR A 92 16.62 8.39 -5.93
CA THR A 92 17.58 9.42 -6.23
C THR A 92 16.80 10.56 -6.88
N ASN A 93 17.20 11.80 -6.61
CA ASN A 93 16.53 12.97 -7.16
C ASN A 93 16.54 12.97 -8.68
N SER A 94 17.73 13.11 -9.24
CA SER A 94 17.91 13.10 -10.68
C SER A 94 18.80 11.91 -11.03
N PRO A 95 19.00 11.64 -12.33
CA PRO A 95 19.86 10.51 -12.72
C PRO A 95 21.27 10.70 -12.16
N VAL A 96 21.90 9.59 -11.81
CA VAL A 96 23.22 9.63 -11.22
C VAL A 96 24.37 9.66 -12.22
N GLU A 97 25.35 10.50 -11.93
CA GLU A 97 26.52 10.62 -12.77
C GLU A 97 27.70 10.93 -11.86
N LEU A 98 28.77 10.16 -12.03
CA LEU A 98 29.97 10.30 -11.21
C LEU A 98 30.46 11.72 -11.05
N ARG A 99 30.67 12.13 -9.80
CA ARG A 99 31.16 13.46 -9.48
C ARG A 99 30.24 14.67 -9.72
N GLU A 100 28.94 14.44 -9.86
CA GLU A 100 27.96 15.53 -10.04
C GLU A 100 27.00 15.41 -8.85
N PRO A 101 26.89 16.45 -8.01
CA PRO A 101 26.01 16.40 -6.85
C PRO A 101 24.63 15.80 -7.11
N ASN A 102 24.00 15.28 -6.06
CA ASN A 102 22.69 14.68 -6.18
C ASN A 102 22.04 14.68 -4.82
N VAL A 103 20.89 14.03 -4.71
CA VAL A 103 20.17 13.96 -3.45
C VAL A 103 19.41 12.65 -3.38
N LEU A 104 19.53 11.96 -2.24
CA LEU A 104 18.84 10.70 -2.05
C LEU A 104 17.54 10.99 -1.33
N ILE A 105 16.47 10.34 -1.76
CA ILE A 105 15.17 10.53 -1.14
C ILE A 105 14.74 9.24 -0.48
N CYS A 106 14.18 9.34 0.72
CA CYS A 106 13.69 8.18 1.44
C CYS A 106 12.18 8.30 1.67
N PHE A 107 11.39 7.60 0.85
CA PHE A 107 9.93 7.63 0.91
C PHE A 107 9.34 6.72 1.99
N ILE A 108 8.80 7.29 3.04
CA ILE A 108 8.18 6.51 4.10
C ILE A 108 6.67 6.63 3.88
N ASP A 109 6.04 5.57 3.38
CA ASP A 109 4.62 5.62 3.04
C ASP A 109 3.64 4.72 3.81
N LYS A 110 2.36 5.11 3.74
CA LYS A 110 1.23 4.41 4.35
C LYS A 110 1.43 3.81 5.73
N PHE A 111 1.63 4.66 6.73
CA PHE A 111 1.82 4.18 8.10
C PHE A 111 1.04 5.01 9.11
N THR A 112 0.92 4.48 10.33
CA THR A 112 0.22 5.17 11.41
C THR A 112 0.48 4.36 12.68
N PRO A 113 0.59 5.03 13.83
CA PRO A 113 0.48 6.47 14.10
C PRO A 113 1.67 7.28 13.60
N PRO A 114 1.53 8.61 13.55
CA PRO A 114 2.56 9.54 13.10
C PRO A 114 3.84 9.68 13.94
N VAL A 115 4.53 8.55 14.15
CA VAL A 115 5.79 8.54 14.90
C VAL A 115 6.71 7.60 14.16
N VAL A 116 7.91 8.09 13.86
CA VAL A 116 8.85 7.28 13.13
C VAL A 116 10.27 7.79 13.34
N ASN A 117 11.20 6.86 13.39
CA ASN A 117 12.58 7.23 13.53
C ASN A 117 13.34 6.85 12.32
N VAL A 118 14.01 7.83 11.75
CA VAL A 118 14.75 7.64 10.53
C VAL A 118 16.20 8.05 10.66
N THR A 119 17.09 7.21 10.14
CA THR A 119 18.53 7.49 10.20
C THR A 119 19.19 7.21 8.86
N TRP A 120 20.07 8.10 8.43
CA TRP A 120 20.77 7.89 7.16
C TRP A 120 22.09 7.24 7.51
N LEU A 121 22.45 6.19 6.78
CA LEU A 121 23.68 5.51 7.06
C LEU A 121 24.51 5.40 5.81
N ARG A 122 25.75 5.87 5.93
CA ARG A 122 26.68 5.80 4.83
C ARG A 122 27.85 4.90 5.26
N ASN A 123 27.95 3.75 4.61
CA ASN A 123 28.99 2.79 4.91
C ASN A 123 28.82 2.32 6.34
N GLY A 124 27.56 2.24 6.76
CA GLY A 124 27.24 1.81 8.11
C GLY A 124 27.22 2.89 9.16
N LYS A 125 27.84 4.04 8.87
CA LYS A 125 27.90 5.13 9.83
C LYS A 125 26.78 6.13 9.62
N PRO A 126 26.20 6.64 10.73
CA PRO A 126 25.11 7.63 10.64
C PRO A 126 25.59 8.88 9.91
N VAL A 127 24.67 9.68 9.38
CA VAL A 127 25.02 10.91 8.66
C VAL A 127 24.04 12.05 8.97
N THR A 128 24.58 13.24 9.20
CA THR A 128 23.76 14.41 9.52
C THR A 128 24.06 15.63 8.65
N THR A 129 25.13 15.54 7.87
CA THR A 129 25.54 16.62 7.00
C THR A 129 24.49 17.00 5.95
N GLY A 130 23.78 18.09 6.20
CA GLY A 130 22.80 18.57 5.25
C GLY A 130 21.51 17.77 5.09
N VAL A 131 21.31 16.77 5.92
CA VAL A 131 20.09 16.00 5.81
C VAL A 131 18.92 16.91 6.17
N SER A 132 17.75 16.59 5.65
CA SER A 132 16.55 17.36 5.92
C SER A 132 15.36 16.41 5.90
N GLU A 133 14.21 16.88 6.36
CA GLU A 133 13.02 16.04 6.40
C GLU A 133 11.76 16.87 6.28
N THR A 134 10.62 16.21 6.20
CA THR A 134 9.34 16.91 6.11
C THR A 134 8.47 16.50 7.29
N VAL A 135 7.39 17.23 7.53
CA VAL A 135 6.50 16.87 8.62
C VAL A 135 5.67 15.70 8.10
N PHE A 136 4.66 15.29 8.85
CA PHE A 136 3.83 14.16 8.44
C PHE A 136 2.73 14.58 7.50
N LEU A 137 2.87 14.27 6.21
CA LEU A 137 1.84 14.62 5.25
C LEU A 137 0.68 13.63 5.39
N PRO A 138 -0.56 14.07 5.14
CA PRO A 138 -1.66 13.12 5.28
C PRO A 138 -1.92 12.38 3.95
N ARG A 139 -2.72 11.32 4.03
CA ARG A 139 -3.11 10.49 2.88
C ARG A 139 -4.60 10.20 2.97
N GLU A 140 -5.25 9.96 1.83
CA GLU A 140 -6.68 9.70 1.86
C GLU A 140 -7.14 8.70 2.91
N ASP A 141 -6.52 7.52 2.92
CA ASP A 141 -6.88 6.45 3.85
C ASP A 141 -6.62 6.74 5.33
N HIS A 142 -6.46 8.02 5.68
CA HIS A 142 -6.23 8.47 7.05
C HIS A 142 -4.84 8.09 7.59
N LEU A 143 -3.97 7.59 6.71
CA LEU A 143 -2.63 7.19 7.11
C LEU A 143 -1.66 8.33 6.82
N PHE A 144 -0.35 8.11 6.99
CA PHE A 144 0.62 9.17 6.75
C PHE A 144 1.74 8.89 5.77
N ARG A 145 2.39 9.98 5.38
CA ARG A 145 3.48 9.99 4.41
C ARG A 145 4.59 10.84 5.04
N LYS A 146 5.80 10.72 4.53
CA LYS A 146 6.92 11.51 5.06
C LYS A 146 8.14 11.33 4.14
N PHE A 147 8.97 12.37 4.00
CA PHE A 147 10.15 12.28 3.14
C PHE A 147 11.40 12.66 3.93
N HIS A 148 12.54 12.09 3.58
CA HIS A 148 13.80 12.40 4.23
C HIS A 148 14.79 12.54 3.10
N TYR A 149 15.57 13.61 3.14
CA TYR A 149 16.53 13.90 2.08
C TYR A 149 17.97 13.90 2.52
N LEU A 150 18.86 13.46 1.64
CA LEU A 150 20.27 13.46 1.97
C LEU A 150 21.11 13.87 0.76
N PRO A 151 21.57 15.12 0.76
CA PRO A 151 22.39 15.53 -0.38
C PRO A 151 23.66 14.70 -0.31
N PHE A 152 24.20 14.34 -1.47
CA PHE A 152 25.40 13.53 -1.50
C PHE A 152 26.15 13.64 -2.83
N LEU A 153 27.39 13.18 -2.84
CA LEU A 153 28.21 13.22 -4.05
C LEU A 153 28.45 11.79 -4.57
N PRO A 154 27.85 11.45 -5.72
CA PRO A 154 27.95 10.15 -6.38
C PRO A 154 29.36 9.57 -6.41
N SER A 155 29.48 8.29 -6.05
CA SER A 155 30.78 7.61 -6.04
C SER A 155 30.61 6.10 -6.01
N THR A 156 31.62 5.38 -6.51
CA THR A 156 31.59 3.91 -6.56
C THR A 156 32.10 3.28 -5.27
N GLU A 157 32.65 4.10 -4.38
CA GLU A 157 33.20 3.56 -3.15
C GLU A 157 32.26 3.52 -1.96
N ASP A 158 31.09 4.15 -2.06
CA ASP A 158 30.17 4.19 -0.93
C ASP A 158 28.88 3.40 -1.09
N VAL A 159 28.21 3.16 0.04
CA VAL A 159 26.91 2.50 0.07
C VAL A 159 26.06 3.15 1.15
N TYR A 160 24.78 3.37 0.86
CA TYR A 160 23.85 4.01 1.79
C TYR A 160 22.67 3.15 2.15
N ASP A 161 22.04 3.50 3.26
CA ASP A 161 20.88 2.78 3.76
C ASP A 161 20.04 3.75 4.55
N CYS A 162 18.73 3.63 4.43
CA CYS A 162 17.81 4.46 5.16
C CYS A 162 17.32 3.50 6.24
N ARG A 163 17.44 3.88 7.50
CA ARG A 163 17.01 3.03 8.58
C ARG A 163 15.72 3.56 9.17
N VAL A 164 14.66 2.76 9.11
CA VAL A 164 13.37 3.19 9.62
C VAL A 164 12.84 2.34 10.77
N GLU A 165 12.41 3.00 11.84
CA GLU A 165 11.87 2.30 12.99
C GLU A 165 10.47 2.79 13.26
N HIS A 166 9.52 1.86 13.32
CA HIS A 166 8.11 2.16 13.57
C HIS A 166 7.47 1.06 14.42
N TRP A 167 6.61 1.46 15.35
CA TRP A 167 5.93 0.52 16.24
C TRP A 167 5.18 -0.62 15.55
N GLY A 168 4.89 -0.47 14.26
CA GLY A 168 4.18 -1.53 13.56
C GLY A 168 5.16 -2.50 12.92
N LEU A 169 6.44 -2.19 13.07
CA LEU A 169 7.51 -2.99 12.52
C LEU A 169 8.07 -3.93 13.57
N ASP A 170 8.36 -5.16 13.15
CA ASP A 170 8.91 -6.14 14.08
C ASP A 170 10.32 -5.73 14.49
N GLU A 171 10.97 -4.95 13.63
CA GLU A 171 12.31 -4.45 13.90
C GLU A 171 12.79 -3.54 12.77
N PRO A 172 13.83 -2.73 13.05
CA PRO A 172 14.38 -1.82 12.05
C PRO A 172 14.36 -2.34 10.63
N LEU A 173 13.84 -1.52 9.74
CA LEU A 173 13.76 -1.85 8.32
C LEU A 173 14.89 -1.06 7.67
N LEU A 174 15.64 -1.72 6.79
CA LEU A 174 16.75 -1.08 6.11
C LEU A 174 16.57 -1.09 4.60
N LYS A 175 16.65 0.09 4.00
CA LYS A 175 16.52 0.23 2.57
C LYS A 175 17.90 0.57 2.05
N HIS A 176 18.37 -0.22 1.10
CA HIS A 176 19.70 -0.05 0.57
C HIS A 176 19.78 0.72 -0.74
N TRP A 177 20.91 1.39 -0.94
CA TRP A 177 21.14 2.13 -2.18
C TRP A 177 22.62 2.22 -2.42
N GLU A 178 23.02 2.05 -3.68
CA GLU A 178 24.41 2.14 -4.05
C GLU A 178 24.57 2.24 -5.56
N PHE A 179 25.50 3.09 -6.00
CA PHE A 179 25.77 3.27 -7.42
C PHE A 179 26.61 2.08 -7.83
N ASP A 180 26.49 1.64 -9.08
CA ASP A 180 27.27 0.48 -9.53
C ASP A 180 27.82 0.57 -10.96
N THR B 1 5.34 -0.68 25.20
CA THR B 1 4.94 0.75 25.11
C THR B 1 3.42 0.96 25.10
N ARG B 2 2.98 1.79 26.04
CA ARG B 2 1.60 2.20 26.24
C ARG B 2 0.87 2.40 24.90
N PRO B 3 -0.48 2.34 24.90
CA PRO B 3 -1.24 2.52 23.65
C PRO B 3 -1.36 4.00 23.27
N ARG B 4 -1.67 4.23 22.00
CA ARG B 4 -1.83 5.58 21.47
C ARG B 4 -3.25 5.93 21.05
N PHE B 5 -3.58 7.21 21.09
CA PHE B 5 -4.91 7.69 20.71
C PHE B 5 -4.78 8.89 19.77
N LEU B 6 -5.38 8.79 18.58
CA LEU B 6 -5.28 9.86 17.58
C LEU B 6 -6.58 10.56 17.17
N TRP B 7 -6.56 11.89 17.23
CA TRP B 7 -7.69 12.72 16.84
C TRP B 7 -7.20 13.48 15.62
N GLN B 8 -7.94 13.38 14.52
CA GLN B 8 -7.54 14.01 13.29
C GLN B 8 -8.64 14.75 12.52
N PRO B 9 -8.72 16.08 12.66
CA PRO B 9 -9.73 16.88 11.95
C PRO B 9 -9.18 17.24 10.56
N LYS B 10 -9.93 16.90 9.52
CA LYS B 10 -9.50 17.18 8.15
C LYS B 10 -10.56 17.97 7.37
N ARG B 11 -10.21 19.17 6.88
CA ARG B 11 -11.13 20.00 6.11
C ARG B 11 -10.63 20.04 4.68
N GLU B 12 -11.41 19.59 3.70
CA GLU B 12 -10.93 19.60 2.32
C GLU B 12 -11.79 20.42 1.37
N CYS B 13 -11.13 21.17 0.48
CA CYS B 13 -11.83 21.99 -0.50
C CYS B 13 -11.58 21.40 -1.87
N HIS B 14 -12.63 20.94 -2.55
CA HIS B 14 -12.47 20.36 -3.88
C HIS B 14 -12.98 21.30 -4.97
N PHE B 15 -12.09 21.73 -5.88
CA PHE B 15 -12.49 22.65 -6.94
C PHE B 15 -12.64 22.01 -8.30
N PHE B 16 -13.69 22.43 -9.02
CA PHE B 16 -13.97 21.91 -10.36
C PHE B 16 -14.14 23.10 -11.30
N ASN B 17 -13.58 23.02 -12.50
CA ASN B 17 -13.64 24.08 -13.51
C ASN B 17 -13.17 25.43 -12.92
N GLY B 18 -12.13 25.37 -12.09
CA GLY B 18 -11.63 26.59 -11.48
C GLY B 18 -12.31 26.79 -10.14
N THR B 19 -13.32 27.65 -10.11
CA THR B 19 -14.07 27.93 -8.88
C THR B 19 -15.54 27.87 -9.23
N GLU B 20 -15.83 27.41 -10.45
CA GLU B 20 -17.19 27.30 -10.96
C GLU B 20 -17.97 26.38 -10.04
N ARG B 21 -17.29 25.41 -9.46
CA ARG B 21 -17.96 24.46 -8.58
C ARG B 21 -17.03 24.00 -7.47
N VAL B 22 -17.48 24.13 -6.25
CA VAL B 22 -16.67 23.74 -5.12
C VAL B 22 -17.48 22.84 -4.20
N ARG B 23 -16.78 22.07 -3.37
CA ARG B 23 -17.42 21.19 -2.41
C ARG B 23 -16.52 21.13 -1.19
N PHE B 24 -17.11 21.42 -0.04
CA PHE B 24 -16.40 21.41 1.22
C PHE B 24 -16.70 20.14 1.99
N LEU B 25 -15.73 19.64 2.75
CA LEU B 25 -15.91 18.43 3.53
C LEU B 25 -15.21 18.56 4.88
N ASP B 26 -15.99 18.64 5.94
CA ASP B 26 -15.43 18.75 7.27
C ASP B 26 -15.40 17.34 7.81
N ARG B 27 -14.22 16.74 7.85
CA ARG B 27 -14.05 15.36 8.33
C ARG B 27 -13.35 15.23 9.67
N TYR B 28 -13.76 14.24 10.47
CA TYR B 28 -13.16 13.99 11.78
C TYR B 28 -12.82 12.52 11.96
N PHE B 29 -11.54 12.24 12.21
CA PHE B 29 -11.07 10.86 12.37
C PHE B 29 -10.51 10.50 13.74
N TYR B 30 -11.11 9.48 14.37
CA TYR B 30 -10.60 9.01 15.64
C TYR B 30 -9.83 7.72 15.33
N ASN B 31 -8.52 7.76 15.56
CA ASN B 31 -7.64 6.64 15.28
C ASN B 31 -7.70 6.40 13.78
N GLN B 32 -8.55 5.49 13.35
CA GLN B 32 -8.63 5.23 11.93
C GLN B 32 -10.05 5.09 11.45
N GLU B 33 -10.97 5.57 12.28
CA GLU B 33 -12.39 5.50 11.96
C GLU B 33 -12.92 6.93 11.88
N GLU B 34 -13.42 7.32 10.72
CA GLU B 34 -14.01 8.64 10.55
C GLU B 34 -15.24 8.60 11.44
N SER B 35 -15.41 9.56 12.34
CA SER B 35 -16.55 9.54 13.25
C SER B 35 -17.75 10.39 12.84
N VAL B 36 -17.48 11.58 12.30
CA VAL B 36 -18.54 12.50 11.88
C VAL B 36 -18.01 13.44 10.80
N ARG B 37 -18.90 13.94 9.94
CA ARG B 37 -18.50 14.84 8.87
C ARG B 37 -19.59 15.76 8.32
N PHE B 38 -19.17 16.84 7.68
CA PHE B 38 -20.10 17.78 7.09
C PHE B 38 -19.79 17.85 5.60
N ASP B 39 -20.80 17.65 4.77
CA ASP B 39 -20.62 17.70 3.34
C ASP B 39 -21.44 18.86 2.81
N SER B 40 -20.77 19.86 2.26
CA SER B 40 -21.44 21.03 1.71
C SER B 40 -22.57 20.64 0.77
N ASP B 41 -22.41 19.52 0.08
CA ASP B 41 -23.43 19.02 -0.84
C ASP B 41 -24.65 18.42 -0.12
N VAL B 42 -24.64 18.44 1.21
CA VAL B 42 -25.73 17.88 2.01
C VAL B 42 -26.30 18.91 2.98
N GLY B 43 -25.47 19.88 3.34
CA GLY B 43 -25.92 20.94 4.21
C GLY B 43 -25.91 20.70 5.71
N GLU B 44 -25.70 19.46 6.15
CA GLU B 44 -25.67 19.23 7.59
C GLU B 44 -24.77 18.08 8.00
N PHE B 45 -24.35 18.12 9.25
CA PHE B 45 -23.48 17.09 9.80
C PHE B 45 -24.19 15.74 9.85
N ARG B 46 -23.39 14.69 9.71
CA ARG B 46 -23.89 13.33 9.77
C ARG B 46 -22.84 12.52 10.50
N ALA B 47 -23.27 11.50 11.22
CA ALA B 47 -22.35 10.64 11.94
C ALA B 47 -22.05 9.47 11.03
N VAL B 48 -20.76 9.22 10.79
CA VAL B 48 -20.39 8.11 9.94
C VAL B 48 -20.40 6.85 10.81
N THR B 49 -19.88 6.97 12.03
CA THR B 49 -19.87 5.85 12.96
C THR B 49 -20.69 6.26 14.18
N GLU B 50 -21.18 5.28 14.94
CA GLU B 50 -21.97 5.57 16.14
C GLU B 50 -21.25 6.50 17.12
N LEU B 51 -19.92 6.55 17.02
CA LEU B 51 -19.09 7.39 17.88
C LEU B 51 -19.35 8.89 17.69
N GLY B 52 -19.74 9.27 16.48
CA GLY B 52 -19.98 10.66 16.18
C GLY B 52 -21.41 11.12 16.43
N ARG B 53 -22.33 10.18 16.66
CA ARG B 53 -23.72 10.50 16.92
C ARG B 53 -23.91 11.71 17.86
N PRO B 54 -23.25 11.70 19.02
CA PRO B 54 -23.39 12.84 19.94
C PRO B 54 -23.10 14.24 19.36
N ASP B 55 -21.99 14.40 18.65
CA ASP B 55 -21.64 15.70 18.06
C ASP B 55 -22.51 16.06 16.87
N ALA B 56 -22.64 15.15 15.92
CA ALA B 56 -23.45 15.41 14.73
C ALA B 56 -24.84 15.95 15.11
N GLU B 57 -25.42 15.42 16.19
CA GLU B 57 -26.74 15.83 16.65
C GLU B 57 -26.68 17.19 17.34
N TYR B 58 -25.61 17.40 18.11
CA TYR B 58 -25.37 18.62 18.86
C TYR B 58 -25.04 19.81 17.96
N TRP B 59 -23.96 19.70 17.20
CA TRP B 59 -23.54 20.75 16.30
C TRP B 59 -24.67 21.23 15.40
N ASN B 60 -25.58 20.32 15.05
CA ASN B 60 -26.72 20.66 14.19
C ASN B 60 -27.74 21.55 14.93
N SER B 61 -27.75 21.44 16.25
CA SER B 61 -28.64 22.22 17.12
C SER B 61 -28.27 23.70 17.20
N GLN B 62 -26.97 24.00 17.15
CA GLN B 62 -26.47 25.37 17.21
C GLN B 62 -26.41 25.99 15.82
N LYS B 63 -27.46 26.73 15.46
CA LYS B 63 -27.55 27.36 14.14
C LYS B 63 -26.40 28.33 13.82
N ASP B 64 -25.43 28.44 14.73
CA ASP B 64 -24.28 29.33 14.52
C ASP B 64 -23.12 28.57 13.85
N ILE B 65 -23.03 27.27 14.11
CA ILE B 65 -21.97 26.47 13.52
C ILE B 65 -22.37 26.08 12.11
N LEU B 66 -23.65 25.81 11.92
CA LEU B 66 -24.19 25.43 10.61
C LEU B 66 -23.87 26.53 9.61
N GLU B 67 -23.99 27.77 10.07
CA GLU B 67 -23.74 28.95 9.23
C GLU B 67 -22.28 28.94 8.81
N GLN B 68 -21.40 28.82 9.79
CA GLN B 68 -19.97 28.79 9.54
C GLN B 68 -19.63 27.75 8.48
N ALA B 69 -20.20 26.56 8.68
CA ALA B 69 -19.98 25.44 7.78
C ALA B 69 -20.59 25.61 6.39
N ARG B 70 -21.80 26.14 6.31
CA ARG B 70 -22.46 26.28 5.02
C ARG B 70 -21.84 27.37 4.18
N ALA B 71 -21.28 28.38 4.84
CA ALA B 71 -20.67 29.49 4.14
C ALA B 71 -19.20 29.24 3.79
N ALA B 72 -18.60 28.26 4.44
CA ALA B 72 -17.20 27.93 4.21
C ALA B 72 -16.81 27.82 2.75
N VAL B 73 -17.72 27.37 1.90
CA VAL B 73 -17.44 27.22 0.48
C VAL B 73 -16.95 28.54 -0.14
N ASP B 74 -17.39 29.65 0.45
CA ASP B 74 -17.00 30.98 -0.05
C ASP B 74 -15.96 31.62 0.85
N THR B 75 -16.36 31.81 2.10
CA THR B 75 -15.52 32.44 3.12
C THR B 75 -14.20 31.73 3.43
N TYR B 76 -14.10 30.48 2.99
CA TYR B 76 -12.93 29.66 3.26
C TYR B 76 -12.29 29.11 1.99
N CYS B 77 -12.99 28.18 1.34
CA CYS B 77 -12.47 27.56 0.13
C CYS B 77 -12.09 28.55 -0.97
N ARG B 78 -13.06 29.24 -1.54
CA ARG B 78 -12.78 30.19 -2.62
C ARG B 78 -11.76 31.27 -2.23
N HIS B 79 -11.81 31.71 -0.97
CA HIS B 79 -10.87 32.73 -0.54
C HIS B 79 -9.45 32.23 -0.72
N ASN B 80 -9.14 31.15 -0.02
CA ASN B 80 -7.83 30.51 -0.05
C ASN B 80 -7.34 30.18 -1.45
N TYR B 81 -8.24 29.68 -2.30
CA TYR B 81 -7.84 29.33 -3.65
C TYR B 81 -7.30 30.57 -4.33
N GLY B 82 -7.85 31.73 -4.00
CA GLY B 82 -7.37 32.94 -4.63
C GLY B 82 -6.02 33.33 -4.07
N VAL B 83 -5.84 33.04 -2.79
CA VAL B 83 -4.60 33.37 -2.11
C VAL B 83 -3.40 32.55 -2.56
N VAL B 84 -3.64 31.35 -3.07
CA VAL B 84 -2.54 30.49 -3.47
C VAL B 84 -2.42 30.19 -4.95
N GLU B 85 -3.53 30.25 -5.67
CA GLU B 85 -3.50 29.93 -7.08
C GLU B 85 -2.28 30.44 -7.85
N SER B 86 -1.76 31.61 -7.50
CA SER B 86 -0.61 32.13 -8.24
C SER B 86 0.64 31.24 -8.20
N PHE B 87 0.95 30.67 -7.02
CA PHE B 87 2.13 29.83 -6.88
C PHE B 87 1.87 28.33 -6.82
N THR B 88 0.63 27.92 -7.05
CA THR B 88 0.32 26.51 -7.02
C THR B 88 -0.34 26.10 -8.33
N VAL B 89 -1.56 26.56 -8.54
CA VAL B 89 -2.29 26.22 -9.75
C VAL B 89 -1.55 26.72 -10.98
N GLN B 90 -0.91 27.86 -10.86
CA GLN B 90 -0.18 28.44 -11.98
C GLN B 90 1.30 28.03 -12.04
N ARG B 91 1.74 27.24 -11.07
CA ARG B 91 3.14 26.81 -11.00
C ARG B 91 3.61 25.97 -12.18
N ARG B 92 4.80 26.27 -12.70
CA ARG B 92 5.34 25.54 -13.84
C ARG B 92 6.87 25.39 -13.79
N VAL B 93 7.34 24.14 -13.76
CA VAL B 93 8.77 23.86 -13.73
C VAL B 93 9.13 22.89 -14.84
N GLN B 94 10.08 23.28 -15.67
CA GLN B 94 10.49 22.44 -16.78
C GLN B 94 11.17 21.15 -16.39
N PRO B 95 10.87 20.07 -17.13
CA PRO B 95 11.42 18.74 -16.93
C PRO B 95 12.85 18.70 -17.42
N LYS B 96 13.62 17.76 -16.91
CA LYS B 96 15.01 17.60 -17.28
C LYS B 96 15.10 16.18 -17.85
N VAL B 97 15.29 16.08 -19.16
CA VAL B 97 15.34 14.79 -19.83
C VAL B 97 16.72 14.23 -20.12
N THR B 98 16.88 12.93 -19.88
CA THR B 98 18.12 12.21 -20.11
C THR B 98 17.81 10.82 -20.64
N VAL B 99 18.50 10.41 -21.69
CA VAL B 99 18.29 9.11 -22.32
C VAL B 99 19.59 8.30 -22.24
N TYR B 100 19.49 7.06 -21.79
CA TYR B 100 20.67 6.19 -21.69
C TYR B 100 20.27 4.74 -21.65
N PRO B 101 21.17 3.86 -22.12
CA PRO B 101 20.86 2.44 -22.12
C PRO B 101 21.34 1.82 -20.82
N SER B 102 20.48 1.04 -20.15
CA SER B 102 20.91 0.36 -18.94
C SER B 102 21.62 -0.83 -19.59
N LYS B 103 22.70 -1.32 -19.01
CA LYS B 103 23.42 -2.42 -19.64
C LYS B 103 24.19 -1.89 -20.85
N THR B 104 25.50 -1.78 -20.69
CA THR B 104 26.39 -1.30 -21.74
C THR B 104 27.01 -2.55 -22.33
N GLN B 105 26.41 -3.08 -23.39
CA GLN B 105 26.93 -4.28 -24.02
C GLN B 105 27.26 -4.09 -25.50
N PRO B 106 27.55 -5.19 -26.16
CA PRO B 106 27.86 -5.14 -27.57
C PRO B 106 26.52 -4.98 -28.29
N LEU B 107 26.52 -4.27 -29.40
CA LEU B 107 25.30 -4.08 -30.16
C LEU B 107 24.70 -5.45 -30.51
N GLN B 108 23.48 -5.44 -31.03
CA GLN B 108 22.75 -6.64 -31.46
C GLN B 108 22.13 -7.58 -30.42
N HIS B 109 22.12 -7.16 -29.16
CA HIS B 109 21.53 -7.97 -28.10
C HIS B 109 20.41 -7.18 -27.43
N HIS B 110 19.43 -7.88 -26.86
CA HIS B 110 18.30 -7.20 -26.23
C HIS B 110 18.77 -6.24 -25.14
N ASN B 111 18.19 -5.04 -25.13
CA ASN B 111 18.56 -4.02 -24.15
C ASN B 111 17.34 -3.25 -23.66
N LEU B 112 17.59 -2.30 -22.76
CA LEU B 112 16.53 -1.48 -22.19
C LEU B 112 17.00 -0.03 -22.25
N LEU B 113 16.29 0.78 -23.05
CA LEU B 113 16.60 2.20 -23.21
C LEU B 113 15.78 3.06 -22.27
N VAL B 114 16.47 3.71 -21.36
CA VAL B 114 15.79 4.51 -20.36
C VAL B 114 15.71 5.99 -20.65
N CYS B 115 14.52 6.53 -20.47
CA CYS B 115 14.30 7.95 -20.67
C CYS B 115 13.86 8.43 -19.33
N SER B 116 14.72 9.19 -18.66
CA SER B 116 14.38 9.69 -17.36
C SER B 116 13.97 11.16 -17.44
N VAL B 117 12.81 11.46 -16.88
CA VAL B 117 12.29 12.81 -16.85
C VAL B 117 12.25 13.24 -15.40
N SER B 118 12.95 14.32 -15.08
CA SER B 118 13.01 14.77 -13.70
C SER B 118 12.82 16.27 -13.44
N GLY B 119 12.37 16.55 -12.22
CA GLY B 119 12.19 17.91 -11.76
C GLY B 119 11.08 18.77 -12.32
N PHE B 120 10.02 18.15 -12.84
CA PHE B 120 8.93 18.91 -13.42
C PHE B 120 7.73 19.11 -12.51
N TYR B 121 6.87 20.04 -12.93
CA TYR B 121 5.64 20.38 -12.24
C TYR B 121 4.83 21.22 -13.23
N PRO B 122 3.52 20.97 -13.32
CA PRO B 122 2.67 20.01 -12.61
C PRO B 122 2.86 18.58 -13.07
N GLY B 123 2.11 17.69 -12.46
CA GLY B 123 2.23 16.28 -12.79
C GLY B 123 1.83 15.77 -14.14
N SER B 124 1.00 16.50 -14.87
CA SER B 124 0.56 16.02 -16.17
C SER B 124 1.70 16.02 -17.16
N ILE B 125 1.95 14.88 -17.79
CA ILE B 125 3.03 14.75 -18.76
C ILE B 125 2.85 13.57 -19.71
N GLU B 126 3.43 13.66 -20.90
CA GLU B 126 3.35 12.60 -21.90
C GLU B 126 4.73 12.27 -22.46
N VAL B 127 5.13 11.01 -22.34
CA VAL B 127 6.43 10.58 -22.86
C VAL B 127 6.20 9.58 -24.01
N ARG B 128 6.93 9.75 -25.10
CA ARG B 128 6.80 8.87 -26.25
C ARG B 128 8.17 8.49 -26.76
N TRP B 129 8.28 7.34 -27.43
CA TRP B 129 9.55 6.86 -27.97
C TRP B 129 9.45 6.66 -29.47
N PHE B 130 10.52 7.00 -30.19
CA PHE B 130 10.58 6.89 -31.64
C PHE B 130 11.82 6.16 -32.07
N LEU B 131 11.69 5.32 -33.09
CA LEU B 131 12.85 4.61 -33.64
C LEU B 131 12.92 4.97 -35.12
N ASN B 132 13.95 5.73 -35.49
CA ASN B 132 14.15 6.15 -36.87
C ASN B 132 12.93 6.95 -37.37
N GLY B 133 12.42 7.84 -36.53
CA GLY B 133 11.30 8.66 -36.91
C GLY B 133 9.91 8.07 -36.80
N GLN B 134 9.79 6.80 -36.40
CA GLN B 134 8.47 6.20 -36.27
C GLN B 134 8.23 5.91 -34.79
N GLU B 135 7.05 6.27 -34.30
CA GLU B 135 6.70 6.06 -32.89
C GLU B 135 6.56 4.60 -32.54
N GLU B 136 7.14 4.20 -31.41
CA GLU B 136 7.05 2.82 -30.97
C GLU B 136 5.88 2.76 -30.00
N LYS B 137 4.95 1.83 -30.22
CA LYS B 137 3.80 1.77 -29.35
C LYS B 137 3.75 0.58 -28.40
N ALA B 138 4.76 -0.27 -28.47
CA ALA B 138 4.80 -1.41 -27.59
C ALA B 138 6.21 -1.55 -27.02
N GLY B 139 6.29 -2.25 -25.90
CA GLY B 139 7.57 -2.48 -25.27
C GLY B 139 7.99 -1.35 -24.36
N MET B 140 7.02 -0.58 -23.87
CA MET B 140 7.35 0.52 -22.98
C MET B 140 6.94 0.24 -21.56
N VAL B 141 7.92 0.30 -20.67
CA VAL B 141 7.67 0.06 -19.25
C VAL B 141 7.92 1.36 -18.52
N SER B 142 6.87 1.89 -17.91
CA SER B 142 7.01 3.13 -17.18
C SER B 142 6.89 2.94 -15.69
N THR B 143 7.51 3.85 -14.96
CA THR B 143 7.50 3.79 -13.51
C THR B 143 6.34 4.57 -12.97
N GLY B 144 5.67 5.31 -13.82
CA GLY B 144 4.56 6.11 -13.35
C GLY B 144 5.08 7.39 -12.70
N LEU B 145 4.15 8.24 -12.27
CA LEU B 145 4.47 9.52 -11.65
C LEU B 145 5.00 9.39 -10.23
N ILE B 146 6.14 9.99 -9.95
CA ILE B 146 6.70 9.92 -8.61
C ILE B 146 6.80 11.31 -8.00
N GLN B 147 6.10 11.51 -6.89
CA GLN B 147 6.09 12.78 -6.21
C GLN B 147 7.25 12.85 -5.23
N ASN B 148 8.21 13.74 -5.51
CA ASN B 148 9.41 13.89 -4.67
C ASN B 148 9.19 14.59 -3.34
N GLY B 149 7.99 15.11 -3.12
CA GLY B 149 7.68 15.77 -1.87
C GLY B 149 8.16 17.21 -1.70
N ASP B 150 8.78 17.76 -2.74
CA ASP B 150 9.30 19.12 -2.69
C ASP B 150 8.78 19.94 -3.85
N TRP B 151 7.55 19.64 -4.27
CA TRP B 151 6.89 20.33 -5.36
C TRP B 151 7.44 20.07 -6.75
N THR B 152 7.91 18.84 -6.97
CA THR B 152 8.38 18.45 -8.31
C THR B 152 8.10 16.96 -8.43
N PHE B 153 8.02 16.48 -9.66
CA PHE B 153 7.74 15.07 -9.94
C PHE B 153 8.91 14.49 -10.76
N GLN B 154 8.86 13.18 -10.97
CA GLN B 154 9.86 12.51 -11.81
C GLN B 154 9.20 11.26 -12.34
N THR B 155 9.76 10.71 -13.42
CA THR B 155 9.21 9.50 -14.04
C THR B 155 10.25 8.90 -14.98
N LEU B 156 10.12 7.61 -15.24
CA LEU B 156 11.04 6.92 -16.13
C LEU B 156 10.25 6.05 -17.08
N VAL B 157 10.66 6.06 -18.34
CA VAL B 157 9.98 5.25 -19.31
C VAL B 157 11.04 4.55 -20.07
N MET B 158 10.94 3.22 -20.10
CA MET B 158 11.92 2.43 -20.78
C MET B 158 11.32 1.80 -21.97
N LEU B 159 12.18 1.53 -22.94
CA LEU B 159 11.75 0.89 -24.17
C LEU B 159 12.56 -0.39 -24.33
N GLU B 160 11.89 -1.49 -24.66
CA GLU B 160 12.55 -2.77 -24.85
C GLU B 160 12.99 -2.89 -26.31
N THR B 161 14.29 -2.99 -26.54
CA THR B 161 14.83 -3.07 -27.90
C THR B 161 15.96 -4.08 -28.10
N VAL B 162 16.36 -4.20 -29.37
CA VAL B 162 17.46 -5.04 -29.81
C VAL B 162 18.08 -4.10 -30.84
N PRO B 163 18.92 -3.19 -30.36
CA PRO B 163 19.60 -2.20 -31.18
C PRO B 163 20.57 -2.76 -32.21
N ARG B 164 20.56 -2.16 -33.39
CA ARG B 164 21.42 -2.55 -34.48
C ARG B 164 22.07 -1.28 -35.00
N SER B 165 23.12 -1.43 -35.81
CA SER B 165 23.85 -0.29 -36.33
C SER B 165 23.03 0.72 -37.14
N GLY B 166 23.28 2.00 -36.88
CA GLY B 166 22.58 3.04 -37.59
C GLY B 166 21.17 3.34 -37.11
N GLU B 167 20.76 2.74 -36.01
CA GLU B 167 19.44 3.02 -35.48
C GLU B 167 19.54 4.24 -34.57
N VAL B 168 18.53 5.09 -34.57
CA VAL B 168 18.50 6.28 -33.71
C VAL B 168 17.17 6.31 -32.97
N TYR B 169 17.25 6.35 -31.65
CA TYR B 169 16.07 6.35 -30.83
C TYR B 169 15.87 7.73 -30.21
N THR B 170 14.63 8.21 -30.21
CA THR B 170 14.34 9.51 -29.62
C THR B 170 13.22 9.43 -28.59
N CYS B 171 13.44 10.09 -27.47
CA CYS B 171 12.46 10.15 -26.41
C CYS B 171 11.85 11.55 -26.54
N GLN B 172 10.54 11.65 -26.59
CA GLN B 172 9.89 12.95 -26.69
C GLN B 172 8.97 13.21 -25.50
N VAL B 173 9.14 14.35 -24.84
CA VAL B 173 8.31 14.67 -23.68
C VAL B 173 7.46 15.93 -23.86
N GLU B 174 6.16 15.80 -23.57
CA GLU B 174 5.19 16.90 -23.66
C GLU B 174 4.83 17.34 -22.25
N HIS B 175 4.88 18.65 -22.01
CA HIS B 175 4.58 19.19 -20.70
C HIS B 175 4.17 20.66 -20.80
N PRO B 176 3.14 21.07 -20.02
CA PRO B 176 2.64 22.45 -20.02
C PRO B 176 3.69 23.54 -19.89
N SER B 177 4.84 23.19 -19.33
CA SER B 177 5.91 24.17 -19.13
C SER B 177 6.81 24.30 -20.35
N VAL B 178 6.33 23.77 -21.48
CA VAL B 178 7.11 23.80 -22.71
C VAL B 178 6.19 23.92 -23.94
N THR B 179 6.42 24.94 -24.76
CA THR B 179 5.64 25.24 -25.95
C THR B 179 5.76 24.18 -27.06
N SER B 180 6.99 23.75 -27.32
CA SER B 180 7.26 22.70 -28.30
C SER B 180 7.98 21.56 -27.55
N PRO B 181 7.37 20.35 -27.54
CA PRO B 181 7.88 19.14 -26.87
C PRO B 181 9.39 18.97 -26.89
N LEU B 182 9.94 18.33 -25.84
CA LEU B 182 11.38 18.09 -25.75
C LEU B 182 11.76 16.73 -26.31
N THR B 183 12.89 16.65 -27.01
CA THR B 183 13.36 15.39 -27.56
C THR B 183 14.86 15.28 -27.36
N VAL B 184 15.32 14.08 -27.05
CA VAL B 184 16.74 13.81 -26.87
C VAL B 184 16.93 12.45 -27.52
N GLU B 185 17.91 12.34 -28.40
CA GLU B 185 18.15 11.07 -29.08
C GLU B 185 19.34 10.30 -28.58
N TRP B 186 19.44 9.06 -29.05
CA TRP B 186 20.52 8.14 -28.70
C TRP B 186 20.84 7.32 -29.94
N ARG B 187 22.02 7.51 -30.52
CA ARG B 187 22.41 6.76 -31.72
C ARG B 187 22.95 5.41 -31.31
N ALA B 188 22.31 4.36 -31.83
CA ALA B 188 22.71 2.99 -31.54
C ALA B 188 24.21 2.87 -31.72
N ARG B 189 24.89 2.87 -30.59
CA ARG B 189 26.34 2.76 -30.55
C ARG B 189 26.66 1.51 -29.74
N SER B 190 27.62 0.72 -30.21
CA SER B 190 28.00 -0.49 -29.51
C SER B 190 29.02 -0.04 -28.47
N GLU B 191 28.72 -0.30 -27.20
CA GLU B 191 29.61 0.10 -26.13
C GLU B 191 30.14 -1.08 -25.34
N GLU C 1 1.75 41.71 6.72
CA GLU C 1 0.77 40.77 6.10
C GLU C 1 0.71 40.85 4.57
N ASN C 2 0.68 39.67 3.95
CA ASN C 2 0.55 39.49 2.50
C ASN C 2 -0.88 38.95 2.45
N PRO C 3 -1.44 38.66 1.27
CA PRO C 3 -2.82 38.13 1.30
C PRO C 3 -2.86 37.01 2.36
N VAL C 4 -3.95 36.89 3.10
CA VAL C 4 -3.98 35.89 4.17
C VAL C 4 -4.79 34.62 3.96
N VAL C 5 -4.24 33.54 4.52
CA VAL C 5 -4.80 32.21 4.47
C VAL C 5 -5.75 31.98 5.64
N HIS C 6 -7.02 31.76 5.31
CA HIS C 6 -8.05 31.54 6.32
C HIS C 6 -8.06 30.09 6.81
N PHE C 7 -8.16 29.91 8.12
CA PHE C 7 -8.19 28.59 8.71
C PHE C 7 -9.57 28.37 9.28
N PHE C 8 -9.99 27.12 9.32
CA PHE C 8 -11.29 26.74 9.85
C PHE C 8 -11.11 26.61 11.35
N LYS C 9 -11.72 27.52 12.12
CA LYS C 9 -11.58 27.51 13.58
C LYS C 9 -12.36 26.40 14.32
N ASN C 10 -11.74 25.87 15.38
CA ASN C 10 -12.32 24.77 16.19
C ASN C 10 -12.81 25.21 17.57
N ILE C 11 -13.89 24.58 18.02
CA ILE C 11 -14.40 24.78 19.39
C ILE C 11 -15.02 23.41 19.78
N VAL C 12 -15.25 23.15 21.06
CA VAL C 12 -15.63 21.79 21.53
C VAL C 12 -17.02 21.24 21.91
N THR C 13 -17.04 19.99 22.38
CA THR C 13 -18.24 19.30 22.87
C THR C 13 -18.01 18.90 24.35
N PRO C 14 -19.10 19.06 25.18
CA PRO C 14 -19.02 18.69 26.59
C PRO C 14 -19.04 17.14 26.86
N LYS D 1 -0.09 -13.82 21.70
CA LYS D 1 -0.71 -13.47 20.39
C LYS D 1 -1.35 -14.71 19.75
N GLU D 2 -2.10 -14.50 18.67
CA GLU D 2 -2.76 -15.61 17.96
C GLU D 2 -1.83 -16.57 17.22
N GLU D 3 -2.34 -17.74 16.90
CA GLU D 3 -1.56 -18.77 16.21
C GLU D 3 -1.99 -18.99 14.76
N HIS D 4 -3.29 -19.01 14.52
CA HIS D 4 -3.80 -19.24 13.18
C HIS D 4 -5.13 -18.53 12.95
N VAL D 5 -5.45 -18.29 11.68
CA VAL D 5 -6.70 -17.64 11.34
C VAL D 5 -7.31 -18.29 10.11
N ILE D 6 -8.60 -18.63 10.22
CA ILE D 6 -9.32 -19.21 9.10
C ILE D 6 -10.41 -18.20 8.79
N ILE D 7 -10.57 -17.87 7.51
CA ILE D 7 -11.55 -16.88 7.07
C ILE D 7 -12.42 -17.41 5.96
N GLN D 8 -13.73 -17.25 6.10
CA GLN D 8 -14.66 -17.64 5.05
C GLN D 8 -15.03 -16.32 4.39
N ALA D 9 -14.43 -16.04 3.24
CA ALA D 9 -14.71 -14.79 2.57
C ALA D 9 -15.51 -15.01 1.32
N GLU D 10 -16.40 -14.05 1.03
CA GLU D 10 -17.21 -14.10 -0.17
C GLU D 10 -17.52 -12.67 -0.56
N PHE D 11 -18.11 -12.49 -1.73
CA PHE D 11 -18.47 -11.15 -2.18
C PHE D 11 -19.33 -11.17 -3.43
N TYR D 12 -20.09 -10.09 -3.63
CA TYR D 12 -20.92 -9.91 -4.82
C TYR D 12 -20.68 -8.48 -5.31
N LEU D 13 -20.64 -8.31 -6.62
CA LEU D 13 -20.38 -6.99 -7.18
C LEU D 13 -21.31 -6.68 -8.35
N ASN D 14 -21.92 -5.49 -8.31
CA ASN D 14 -22.81 -5.02 -9.36
C ASN D 14 -22.16 -3.79 -9.97
N PRO D 15 -22.43 -3.50 -11.24
CA PRO D 15 -23.28 -4.16 -12.24
C PRO D 15 -22.76 -5.48 -12.81
N ASP D 16 -21.47 -5.73 -12.63
CA ASP D 16 -20.84 -6.94 -13.14
C ASP D 16 -21.62 -8.20 -12.81
N GLN D 17 -22.26 -8.23 -11.65
CA GLN D 17 -23.01 -9.42 -11.27
C GLN D 17 -22.05 -10.60 -11.13
N SER D 18 -20.91 -10.36 -10.48
CA SER D 18 -19.92 -11.40 -10.26
C SER D 18 -19.72 -11.60 -8.77
N GLY D 19 -19.69 -12.86 -8.33
CA GLY D 19 -19.52 -13.16 -6.92
C GLY D 19 -18.44 -14.19 -6.69
N GLU D 20 -18.15 -14.47 -5.42
CA GLU D 20 -17.12 -15.43 -5.08
C GLU D 20 -17.23 -16.00 -3.66
N PHE D 21 -16.79 -17.25 -3.50
CA PHE D 21 -16.84 -17.93 -2.21
C PHE D 21 -15.53 -18.65 -1.96
N MET D 22 -14.89 -18.38 -0.83
CA MET D 22 -13.62 -19.05 -0.55
C MET D 22 -13.20 -19.07 0.91
N PHE D 23 -12.34 -20.03 1.25
CA PHE D 23 -11.81 -20.18 2.59
C PHE D 23 -10.33 -19.85 2.51
N ASP D 24 -9.83 -19.22 3.55
CA ASP D 24 -8.44 -18.79 3.56
C ASP D 24 -7.83 -19.18 4.89
N PHE D 25 -6.61 -19.71 4.87
CA PHE D 25 -5.90 -20.08 6.08
C PHE D 25 -4.57 -19.33 6.16
N ASP D 26 -4.40 -18.51 7.18
CA ASP D 26 -3.17 -17.75 7.35
C ASP D 26 -2.71 -17.04 6.09
N GLY D 27 -3.64 -16.63 5.25
CA GLY D 27 -3.23 -15.91 4.06
C GLY D 27 -3.29 -16.70 2.78
N ASP D 28 -3.36 -18.01 2.88
CA ASP D 28 -3.42 -18.85 1.68
C ASP D 28 -4.84 -19.38 1.46
N GLU D 29 -5.20 -19.61 0.20
CA GLU D 29 -6.52 -20.13 -0.14
C GLU D 29 -6.56 -21.65 0.02
N ILE D 30 -7.56 -22.16 0.73
CA ILE D 30 -7.71 -23.59 0.89
C ILE D 30 -8.49 -24.05 -0.34
N PHE D 31 -9.58 -23.33 -0.64
CA PHE D 31 -10.41 -23.65 -1.79
C PHE D 31 -11.37 -22.51 -2.05
N HIS D 32 -12.06 -22.61 -3.17
CA HIS D 32 -13.05 -21.63 -3.59
C HIS D 32 -14.01 -22.40 -4.48
N VAL D 33 -15.27 -21.97 -4.55
CA VAL D 33 -16.27 -22.64 -5.37
C VAL D 33 -16.39 -21.97 -6.72
N ASP D 34 -16.39 -22.76 -7.79
CA ASP D 34 -16.54 -22.26 -9.16
C ASP D 34 -18.02 -22.05 -9.42
N MET D 35 -18.40 -20.78 -9.54
CA MET D 35 -19.78 -20.37 -9.77
C MET D 35 -20.39 -20.92 -11.04
N ALA D 36 -19.64 -20.86 -12.13
CA ALA D 36 -20.11 -21.35 -13.42
C ALA D 36 -20.17 -22.87 -13.52
N LYS D 37 -19.16 -23.55 -12.98
CA LYS D 37 -19.14 -25.01 -13.04
C LYS D 37 -19.75 -25.61 -11.77
N LYS D 38 -20.21 -24.74 -10.88
CA LYS D 38 -20.85 -25.16 -9.63
C LYS D 38 -20.14 -26.33 -8.97
N GLU D 39 -18.84 -26.18 -8.74
CA GLU D 39 -18.06 -27.24 -8.10
C GLU D 39 -16.93 -26.64 -7.27
N THR D 40 -16.62 -27.27 -6.14
CA THR D 40 -15.56 -26.77 -5.27
C THR D 40 -14.18 -27.09 -5.81
N VAL D 41 -13.28 -26.10 -5.75
CA VAL D 41 -11.92 -26.23 -6.27
C VAL D 41 -10.84 -26.02 -5.21
N TRP D 42 -10.12 -27.09 -4.89
CA TRP D 42 -9.06 -27.04 -3.89
C TRP D 42 -7.88 -26.29 -4.45
N ARG D 43 -7.05 -25.70 -3.57
CA ARG D 43 -5.88 -24.96 -4.03
C ARG D 43 -4.74 -25.90 -4.46
N LEU D 44 -4.64 -27.05 -3.79
CA LEU D 44 -3.64 -28.09 -4.11
C LEU D 44 -4.48 -29.35 -4.18
N GLU D 45 -4.36 -30.12 -5.25
CA GLU D 45 -5.19 -31.31 -5.38
C GLU D 45 -5.18 -32.25 -4.17
N GLU D 46 -4.05 -32.32 -3.46
CA GLU D 46 -3.95 -33.19 -2.30
C GLU D 46 -5.02 -32.87 -1.28
N PHE D 47 -5.22 -31.58 -1.02
CA PHE D 47 -6.22 -31.14 -0.06
C PHE D 47 -7.52 -31.89 -0.25
N GLY D 48 -7.91 -32.09 -1.50
CA GLY D 48 -9.16 -32.77 -1.82
C GLY D 48 -9.28 -34.19 -1.30
N ARG D 49 -8.14 -34.80 -0.99
CA ARG D 49 -8.13 -36.16 -0.48
C ARG D 49 -8.30 -36.21 1.03
N PHE D 50 -8.42 -35.04 1.67
CA PHE D 50 -8.57 -34.98 3.12
C PHE D 50 -9.89 -34.43 3.62
N ALA D 51 -10.43 -33.46 2.89
CA ALA D 51 -11.68 -32.84 3.28
C ALA D 51 -12.61 -32.81 2.09
N SER D 52 -13.81 -32.29 2.31
CA SER D 52 -14.81 -32.16 1.26
C SER D 52 -15.73 -31.00 1.59
N PHE D 53 -16.43 -30.51 0.57
CA PHE D 53 -17.36 -29.40 0.75
C PHE D 53 -18.48 -29.45 -0.30
N GLU D 54 -19.71 -29.23 0.13
CA GLU D 54 -20.84 -29.26 -0.78
C GLU D 54 -20.97 -27.94 -1.51
N ALA D 55 -20.55 -27.92 -2.77
CA ALA D 55 -20.59 -26.72 -3.60
C ALA D 55 -21.92 -25.94 -3.53
N GLN D 56 -23.03 -26.65 -3.37
CA GLN D 56 -24.34 -26.00 -3.30
C GLN D 56 -24.47 -24.95 -2.23
N GLY D 57 -23.85 -25.18 -1.07
CA GLY D 57 -23.91 -24.22 0.01
C GLY D 57 -23.42 -22.86 -0.41
N ALA D 58 -22.35 -22.85 -1.21
CA ALA D 58 -21.76 -21.61 -1.69
C ALA D 58 -22.71 -20.90 -2.66
N LEU D 59 -23.14 -21.60 -3.70
CA LEU D 59 -24.05 -21.01 -4.66
C LEU D 59 -25.27 -20.36 -3.98
N ALA D 60 -25.76 -21.00 -2.93
CA ALA D 60 -26.90 -20.47 -2.19
C ALA D 60 -26.50 -19.22 -1.45
N ASN D 61 -25.39 -19.29 -0.71
CA ASN D 61 -24.88 -18.17 0.06
C ASN D 61 -24.60 -16.94 -0.78
N ILE D 62 -24.37 -17.16 -2.06
CA ILE D 62 -24.09 -16.06 -2.98
C ILE D 62 -25.38 -15.34 -3.36
N ALA D 63 -26.45 -16.09 -3.58
CA ALA D 63 -27.72 -15.48 -3.94
C ALA D 63 -28.16 -14.54 -2.81
N VAL D 64 -28.03 -14.97 -1.56
CA VAL D 64 -28.42 -14.13 -0.44
C VAL D 64 -27.61 -12.84 -0.47
N ASP D 65 -26.40 -12.92 -1.03
CA ASP D 65 -25.52 -11.76 -1.13
C ASP D 65 -25.99 -10.80 -2.21
N LYS D 66 -26.37 -11.35 -3.35
CA LYS D 66 -26.85 -10.51 -4.43
C LYS D 66 -28.04 -9.70 -3.91
N ALA D 67 -28.86 -10.33 -3.07
CA ALA D 67 -30.04 -9.67 -2.52
C ALA D 67 -29.72 -8.60 -1.51
N ASN D 68 -28.76 -8.85 -0.62
CA ASN D 68 -28.38 -7.89 0.41
C ASN D 68 -27.59 -6.72 -0.15
N LEU D 69 -26.97 -6.91 -1.30
CA LEU D 69 -26.21 -5.84 -1.89
C LEU D 69 -27.19 -4.86 -2.47
N GLU D 70 -28.23 -5.37 -3.11
CA GLU D 70 -29.24 -4.52 -3.72
C GLU D 70 -29.97 -3.67 -2.66
N ILE D 71 -30.02 -4.20 -1.44
CA ILE D 71 -30.67 -3.53 -0.33
C ILE D 71 -29.75 -2.46 0.26
N MET D 72 -28.51 -2.85 0.51
CA MET D 72 -27.51 -1.95 1.07
C MET D 72 -27.18 -0.84 0.10
N THR D 73 -27.26 -1.12 -1.20
CA THR D 73 -26.97 -0.12 -2.20
C THR D 73 -27.97 1.00 -2.03
N LYS D 74 -29.25 0.67 -2.15
CA LYS D 74 -30.33 1.64 -1.99
C LYS D 74 -30.20 2.33 -0.64
N ARG D 75 -29.98 1.55 0.40
CA ARG D 75 -29.87 2.10 1.73
C ARG D 75 -28.68 3.06 1.85
N SER D 76 -27.63 2.84 1.06
CA SER D 76 -26.46 3.71 1.10
C SER D 76 -26.78 4.97 0.30
N ASN D 77 -27.88 4.89 -0.44
CA ASN D 77 -28.36 5.97 -1.29
C ASN D 77 -27.60 5.93 -2.62
N TYR D 78 -27.07 4.77 -2.93
CA TYR D 78 -26.36 4.57 -4.18
C TYR D 78 -24.98 5.18 -4.25
N THR D 79 -24.27 5.26 -3.13
CA THR D 79 -22.93 5.79 -3.16
C THR D 79 -22.09 4.60 -3.64
N PRO D 80 -21.24 4.80 -4.66
CA PRO D 80 -20.42 3.71 -5.17
C PRO D 80 -19.07 3.61 -4.52
N ILE D 81 -18.34 2.57 -4.90
CA ILE D 81 -17.02 2.35 -4.35
C ILE D 81 -16.04 3.20 -5.11
N THR D 82 -15.01 3.64 -4.39
CA THR D 82 -13.98 4.44 -5.01
C THR D 82 -12.82 3.50 -5.35
N ASN D 83 -12.45 3.48 -6.63
CA ASN D 83 -11.36 2.64 -7.11
C ASN D 83 -10.06 2.88 -6.35
N VAL D 84 -9.37 1.79 -6.06
CA VAL D 84 -8.09 1.83 -5.37
C VAL D 84 -7.21 0.98 -6.27
N PRO D 85 -6.21 1.61 -6.93
CA PRO D 85 -5.31 0.90 -7.84
C PRO D 85 -4.37 -0.11 -7.20
N PRO D 86 -4.03 -1.18 -7.95
CA PRO D 86 -3.15 -2.26 -7.51
C PRO D 86 -1.67 -1.95 -7.45
N GLU D 87 -0.98 -2.77 -6.67
CA GLU D 87 0.45 -2.66 -6.46
C GLU D 87 1.06 -3.92 -7.08
N VAL D 88 1.37 -3.88 -8.37
CA VAL D 88 1.94 -5.03 -9.04
C VAL D 88 3.41 -5.19 -8.72
N THR D 89 3.87 -6.43 -8.79
CA THR D 89 5.26 -6.79 -8.54
C THR D 89 5.49 -8.20 -9.09
N VAL D 90 6.51 -8.36 -9.92
CA VAL D 90 6.81 -9.65 -10.54
C VAL D 90 7.99 -10.34 -9.87
N LEU D 91 7.78 -11.61 -9.56
CA LEU D 91 8.77 -12.41 -8.88
C LEU D 91 9.02 -13.76 -9.55
N THR D 92 9.95 -14.50 -8.97
CA THR D 92 10.30 -15.80 -9.47
C THR D 92 10.12 -16.81 -8.34
N ASN D 93 9.49 -17.94 -8.64
CA ASN D 93 9.27 -18.98 -7.64
C ASN D 93 10.56 -19.32 -6.87
N SER D 94 11.43 -20.10 -7.50
CA SER D 94 12.70 -20.53 -6.93
C SER D 94 13.80 -19.75 -7.60
N PRO D 95 15.01 -19.75 -7.03
CA PRO D 95 16.10 -19.00 -7.68
C PRO D 95 16.23 -19.45 -9.13
N VAL D 96 16.78 -18.58 -9.98
CA VAL D 96 16.92 -18.91 -11.39
C VAL D 96 18.22 -19.58 -11.81
N GLU D 97 18.06 -20.63 -12.60
CA GLU D 97 19.17 -21.38 -13.16
C GLU D 97 18.84 -21.51 -14.63
N LEU D 98 19.73 -20.99 -15.47
CA LEU D 98 19.52 -21.03 -16.91
C LEU D 98 19.08 -22.38 -17.42
N ARG D 99 18.13 -22.36 -18.34
CA ARG D 99 17.61 -23.54 -18.97
C ARG D 99 16.96 -24.60 -18.09
N GLU D 100 16.76 -24.29 -16.80
CA GLU D 100 16.09 -25.22 -15.89
C GLU D 100 14.73 -24.62 -15.54
N PRO D 101 13.62 -25.37 -15.72
CA PRO D 101 12.26 -24.90 -15.43
C PRO D 101 12.05 -24.07 -14.15
N ASN D 102 11.15 -23.10 -14.25
CA ASN D 102 10.85 -22.23 -13.12
C ASN D 102 9.43 -21.68 -13.31
N VAL D 103 9.09 -20.60 -12.61
CA VAL D 103 7.74 -20.00 -12.73
C VAL D 103 7.73 -18.53 -12.34
N LEU D 104 7.15 -17.68 -13.20
CA LEU D 104 7.07 -16.25 -12.93
C LEU D 104 5.76 -15.93 -12.21
N ILE D 105 5.88 -15.27 -11.06
CA ILE D 105 4.70 -14.91 -10.29
C ILE D 105 4.46 -13.42 -10.41
N CYS D 106 3.21 -13.06 -10.65
CA CYS D 106 2.80 -11.67 -10.76
C CYS D 106 1.89 -11.42 -9.58
N PHE D 107 2.38 -10.62 -8.65
CA PHE D 107 1.65 -10.31 -7.45
C PHE D 107 0.95 -8.96 -7.57
N ILE D 108 -0.38 -8.99 -7.61
CA ILE D 108 -1.20 -7.78 -7.70
C ILE D 108 -1.78 -7.57 -6.31
N ASP D 109 -1.34 -6.53 -5.60
CA ASP D 109 -1.78 -6.28 -4.23
C ASP D 109 -2.51 -4.97 -3.93
N LYS D 110 -3.21 -4.97 -2.79
CA LYS D 110 -3.97 -3.83 -2.26
C LYS D 110 -4.78 -3.05 -3.27
N PHE D 111 -5.81 -3.66 -3.82
CA PHE D 111 -6.64 -2.97 -4.78
C PHE D 111 -8.11 -3.31 -4.58
N THR D 112 -8.97 -2.53 -5.23
CA THR D 112 -10.41 -2.74 -5.19
C THR D 112 -11.02 -1.79 -6.20
N PRO D 113 -12.14 -2.18 -6.83
CA PRO D 113 -12.91 -3.42 -6.65
C PRO D 113 -12.24 -4.65 -7.31
N PRO D 114 -12.73 -5.85 -6.97
CA PRO D 114 -12.20 -7.10 -7.52
C PRO D 114 -12.46 -7.32 -9.00
N VAL D 115 -11.87 -6.47 -9.83
CA VAL D 115 -11.98 -6.62 -11.26
C VAL D 115 -10.64 -6.16 -11.81
N VAL D 116 -9.98 -7.06 -12.52
CA VAL D 116 -8.67 -6.77 -13.09
C VAL D 116 -8.34 -7.67 -14.30
N ASN D 117 -7.65 -7.08 -15.28
CA ASN D 117 -7.23 -7.79 -16.50
C ASN D 117 -5.73 -7.96 -16.44
N VAL D 118 -5.26 -9.19 -16.58
CA VAL D 118 -3.81 -9.43 -16.55
C VAL D 118 -3.37 -10.23 -17.74
N THR D 119 -2.29 -9.76 -18.38
CA THR D 119 -1.72 -10.43 -19.55
C THR D 119 -0.22 -10.60 -19.40
N TRP D 120 0.25 -11.78 -19.79
CA TRP D 120 1.67 -12.11 -19.73
C TRP D 120 2.26 -11.80 -21.10
N LEU D 121 3.41 -11.16 -21.09
CA LEU D 121 4.06 -10.77 -22.32
C LEU D 121 5.49 -11.26 -22.39
N ARG D 122 5.79 -12.00 -23.45
CA ARG D 122 7.13 -12.51 -23.66
C ARG D 122 7.70 -11.88 -24.92
N ASN D 123 8.65 -10.96 -24.74
CA ASN D 123 9.26 -10.27 -25.86
C ASN D 123 8.21 -9.45 -26.59
N GLY D 124 7.24 -8.93 -25.86
CA GLY D 124 6.18 -8.13 -26.46
C GLY D 124 4.96 -8.93 -26.90
N LYS D 125 5.09 -10.25 -26.97
CA LYS D 125 3.98 -11.09 -27.40
C LYS D 125 3.27 -11.73 -26.24
N PRO D 126 1.93 -11.76 -26.29
CA PRO D 126 1.14 -12.37 -25.21
C PRO D 126 1.47 -13.86 -25.11
N VAL D 127 1.15 -14.46 -23.97
CA VAL D 127 1.41 -15.88 -23.75
C VAL D 127 0.29 -16.50 -22.93
N THR D 128 -0.05 -17.74 -23.25
CA THR D 128 -1.12 -18.46 -22.56
C THR D 128 -0.68 -19.86 -22.12
N THR D 129 0.41 -20.32 -22.72
CA THR D 129 0.95 -21.64 -22.42
C THR D 129 1.12 -21.92 -20.92
N GLY D 130 0.22 -22.73 -20.38
CA GLY D 130 0.28 -23.11 -18.98
C GLY D 130 0.05 -22.05 -17.92
N VAL D 131 -0.27 -20.83 -18.34
CA VAL D 131 -0.52 -19.76 -17.38
C VAL D 131 -1.65 -20.15 -16.45
N SER D 132 -1.64 -19.63 -15.23
CA SER D 132 -2.71 -19.92 -14.29
C SER D 132 -2.89 -18.73 -13.36
N GLU D 133 -3.95 -18.72 -12.58
CA GLU D 133 -4.23 -17.59 -11.68
C GLU D 133 -5.04 -18.03 -10.47
N THR D 134 -5.16 -17.16 -9.48
CA THR D 134 -5.94 -17.48 -8.31
C THR D 134 -7.14 -16.55 -8.27
N VAL D 135 -8.12 -16.88 -7.44
CA VAL D 135 -9.28 -16.01 -7.32
C VAL D 135 -8.83 -14.82 -6.48
N PHE D 136 -9.73 -13.91 -6.20
CA PHE D 136 -9.38 -12.74 -5.41
C PHE D 136 -9.32 -13.09 -3.93
N LEU D 137 -8.12 -13.04 -3.36
CA LEU D 137 -7.97 -13.33 -1.95
C LEU D 137 -8.21 -12.04 -1.20
N PRO D 138 -8.80 -12.12 0.01
CA PRO D 138 -9.06 -10.90 0.78
C PRO D 138 -7.87 -10.41 1.59
N ARG D 139 -8.00 -9.20 2.12
CA ARG D 139 -6.97 -8.59 2.96
C ARG D 139 -7.68 -7.94 4.15
N GLU D 140 -6.94 -7.66 5.21
CA GLU D 140 -7.54 -7.05 6.40
C GLU D 140 -8.26 -5.73 6.12
N ASP D 141 -7.65 -4.87 5.31
CA ASP D 141 -8.21 -3.56 4.98
C ASP D 141 -9.39 -3.55 3.99
N HIS D 142 -10.08 -4.69 3.86
CA HIS D 142 -11.24 -4.83 2.96
C HIS D 142 -10.85 -4.71 1.50
N LEU D 143 -9.55 -4.79 1.22
CA LEU D 143 -9.03 -4.71 -0.14
C LEU D 143 -8.75 -6.12 -0.67
N PHE D 144 -8.19 -6.22 -1.87
CA PHE D 144 -7.91 -7.53 -2.45
C PHE D 144 -6.46 -7.86 -2.87
N ARG D 145 -6.22 -9.15 -3.10
CA ARG D 145 -4.92 -9.67 -3.48
C ARG D 145 -5.15 -10.69 -4.58
N LYS D 146 -4.16 -10.90 -5.45
CA LYS D 146 -4.32 -11.87 -6.53
C LYS D 146 -2.97 -12.24 -7.12
N PHE D 147 -2.85 -13.48 -7.58
CA PHE D 147 -1.59 -13.97 -8.18
C PHE D 147 -1.80 -14.55 -9.56
N HIS D 148 -0.81 -14.34 -10.41
CA HIS D 148 -0.84 -14.90 -11.76
C HIS D 148 0.48 -15.61 -11.96
N TYR D 149 0.39 -16.84 -12.45
CA TYR D 149 1.57 -17.65 -12.64
C TYR D 149 1.80 -17.99 -14.11
N LEU D 150 3.07 -17.96 -14.52
CA LEU D 150 3.42 -18.31 -15.88
C LEU D 150 4.67 -19.17 -15.83
N PRO D 151 4.51 -20.47 -16.14
CA PRO D 151 5.66 -21.37 -16.13
C PRO D 151 6.56 -21.02 -17.34
N PHE D 152 7.86 -20.97 -17.13
CA PHE D 152 8.76 -20.62 -18.22
C PHE D 152 10.15 -21.25 -18.05
N LEU D 153 10.97 -21.14 -19.08
CA LEU D 153 12.31 -21.70 -19.05
C LEU D 153 13.34 -20.59 -19.11
N PRO D 154 13.99 -20.29 -17.98
CA PRO D 154 15.00 -19.23 -17.91
C PRO D 154 16.00 -19.27 -19.04
N SER D 155 16.40 -18.09 -19.52
CA SER D 155 17.36 -17.98 -20.59
C SER D 155 17.83 -16.53 -20.69
N THR D 156 18.89 -16.31 -21.45
CA THR D 156 19.44 -14.97 -21.60
C THR D 156 18.78 -14.20 -22.75
N GLU D 157 18.00 -14.90 -23.57
CA GLU D 157 17.37 -14.31 -24.74
C GLU D 157 15.96 -13.76 -24.62
N ASP D 158 15.29 -13.97 -23.50
CA ASP D 158 13.93 -13.47 -23.39
C ASP D 158 13.75 -12.44 -22.28
N VAL D 159 12.66 -11.68 -22.40
CA VAL D 159 12.29 -10.68 -21.40
C VAL D 159 10.80 -10.87 -21.19
N TYR D 160 10.32 -10.63 -19.98
CA TYR D 160 8.91 -10.81 -19.69
C TYR D 160 8.29 -9.58 -19.05
N ASP D 161 6.98 -9.45 -19.24
CA ASP D 161 6.22 -8.34 -18.70
C ASP D 161 4.82 -8.80 -18.31
N CYS D 162 4.40 -8.36 -17.13
CA CYS D 162 3.07 -8.65 -16.62
C CYS D 162 2.32 -7.34 -16.85
N ARG D 163 1.23 -7.39 -17.61
CA ARG D 163 0.45 -6.20 -17.90
C ARG D 163 -0.90 -6.17 -17.15
N VAL D 164 -1.01 -5.25 -16.19
CA VAL D 164 -2.20 -5.14 -15.36
C VAL D 164 -3.11 -3.94 -15.67
N GLU D 165 -4.41 -4.20 -15.79
CA GLU D 165 -5.40 -3.16 -16.07
C GLU D 165 -6.46 -3.11 -14.98
N HIS D 166 -6.64 -1.95 -14.36
CA HIS D 166 -7.62 -1.77 -13.29
C HIS D 166 -8.22 -0.38 -13.37
N TRP D 167 -9.50 -0.26 -13.04
CA TRP D 167 -10.19 1.02 -13.10
C TRP D 167 -9.59 2.16 -12.28
N GLY D 168 -8.76 1.84 -11.30
CA GLY D 168 -8.16 2.88 -10.47
C GLY D 168 -6.81 3.33 -11.00
N LEU D 169 -6.45 2.79 -12.17
CA LEU D 169 -5.17 3.07 -12.82
C LEU D 169 -5.36 4.03 -13.99
N ASP D 170 -4.43 4.96 -14.17
CA ASP D 170 -4.55 5.91 -15.27
C ASP D 170 -4.42 5.21 -16.62
N GLU D 171 -3.61 4.15 -16.67
CA GLU D 171 -3.42 3.36 -17.88
C GLU D 171 -2.63 2.11 -17.52
N PRO D 172 -2.67 1.07 -18.38
CA PRO D 172 -1.97 -0.19 -18.15
C PRO D 172 -0.61 -0.05 -17.46
N LEU D 173 -0.45 -0.82 -16.40
CA LEU D 173 0.78 -0.82 -15.62
C LEU D 173 1.54 -2.09 -16.01
N LEU D 174 2.80 -1.92 -16.38
CA LEU D 174 3.65 -3.04 -16.78
C LEU D 174 4.75 -3.30 -15.76
N LYS D 175 4.97 -4.57 -15.43
CA LYS D 175 6.02 -4.97 -14.51
C LYS D 175 6.95 -5.83 -15.32
N HIS D 176 8.21 -5.43 -15.33
CA HIS D 176 9.20 -6.11 -16.16
C HIS D 176 10.07 -7.11 -15.41
N TRP D 177 10.48 -8.14 -16.14
CA TRP D 177 11.35 -9.15 -15.59
C TRP D 177 12.27 -9.67 -16.68
N GLU D 178 13.52 -9.87 -16.31
CA GLU D 178 14.49 -10.39 -17.24
C GLU D 178 15.69 -10.89 -16.48
N PHE D 179 16.22 -12.04 -16.91
CA PHE D 179 17.39 -12.62 -16.25
C PHE D 179 18.49 -11.60 -16.30
N ASP D 180 19.30 -11.57 -15.25
CA ASP D 180 20.40 -10.62 -15.20
C ASP D 180 21.76 -11.28 -15.00
N THR E 1 -17.31 4.55 -17.48
CA THR E 1 -17.92 3.31 -16.94
C THR E 1 -18.68 3.56 -15.64
N ARG E 2 -19.86 2.95 -15.60
CA ARG E 2 -20.77 2.97 -14.46
C ARG E 2 -20.07 2.73 -13.12
N PRO E 3 -20.72 3.12 -12.00
CA PRO E 3 -20.11 2.92 -10.68
C PRO E 3 -20.40 1.50 -10.20
N ARG E 4 -19.63 1.03 -9.23
CA ARG E 4 -19.83 -0.32 -8.71
C ARG E 4 -20.21 -0.31 -7.24
N PHE E 5 -20.83 -1.40 -6.82
CA PHE E 5 -21.28 -1.57 -5.44
C PHE E 5 -20.87 -2.95 -4.95
N LEU E 6 -20.13 -2.97 -3.85
CA LEU E 6 -19.61 -4.21 -3.30
C LEU E 6 -20.06 -4.61 -1.91
N TRP E 7 -20.59 -5.83 -1.80
CA TRP E 7 -21.03 -6.39 -0.53
C TRP E 7 -20.05 -7.51 -0.16
N GLN E 8 -19.50 -7.47 1.04
CA GLN E 8 -18.53 -8.47 1.43
C GLN E 8 -18.65 -9.02 2.85
N PRO E 9 -19.24 -10.22 3.01
CA PRO E 9 -19.40 -10.82 4.34
C PRO E 9 -18.13 -11.64 4.67
N LYS E 10 -17.52 -11.36 5.82
CA LYS E 10 -16.31 -12.08 6.21
C LYS E 10 -16.40 -12.72 7.59
N ARG E 11 -16.34 -14.05 7.68
CA ARG E 11 -16.38 -14.71 9.00
C ARG E 11 -15.00 -15.24 9.28
N GLU E 12 -14.43 -14.84 10.40
CA GLU E 12 -13.09 -15.31 10.72
C GLU E 12 -12.96 -15.92 12.10
N CYS E 13 -12.20 -17.02 12.16
CA CYS E 13 -11.95 -17.73 13.40
C CYS E 13 -10.48 -17.52 13.78
N HIS E 14 -10.23 -17.06 15.00
CA HIS E 14 -8.87 -16.83 15.47
C HIS E 14 -8.59 -17.83 16.57
N PHE E 15 -7.48 -18.57 16.45
CA PHE E 15 -7.13 -19.60 17.42
C PHE E 15 -5.88 -19.37 18.25
N PHE E 16 -5.99 -19.60 19.56
CA PHE E 16 -4.86 -19.43 20.47
C PHE E 16 -4.60 -20.72 21.27
N ASN E 17 -3.34 -21.13 21.35
CA ASN E 17 -2.97 -22.34 22.07
C ASN E 17 -3.68 -23.58 21.53
N GLY E 18 -3.66 -23.73 20.21
CA GLY E 18 -4.30 -24.88 19.62
C GLY E 18 -5.75 -24.56 19.38
N THR E 19 -6.61 -24.89 20.35
CA THR E 19 -8.03 -24.59 20.24
C THR E 19 -8.53 -24.37 21.67
N GLU E 20 -7.60 -24.15 22.58
CA GLU E 20 -7.97 -23.91 23.98
C GLU E 20 -8.73 -22.60 24.04
N ARG E 21 -8.42 -21.67 23.12
CA ARG E 21 -9.07 -20.36 23.05
C ARG E 21 -9.36 -19.92 21.61
N VAL E 22 -10.64 -19.71 21.30
CA VAL E 22 -11.08 -19.30 19.97
C VAL E 22 -11.90 -18.00 20.04
N ARG E 23 -11.83 -17.19 18.99
CA ARG E 23 -12.60 -15.95 18.92
C ARG E 23 -13.21 -15.85 17.53
N PHE E 24 -14.54 -15.77 17.48
CA PHE E 24 -15.27 -15.68 16.23
C PHE E 24 -15.61 -14.24 15.96
N LEU E 25 -15.59 -13.87 14.68
CA LEU E 25 -15.91 -12.51 14.28
C LEU E 25 -16.71 -12.55 12.97
N ASP E 26 -17.96 -12.10 13.04
CA ASP E 26 -18.83 -12.04 11.87
C ASP E 26 -18.78 -10.57 11.43
N ARG E 27 -18.06 -10.29 10.35
CA ARG E 27 -17.90 -8.94 9.82
C ARG E 27 -18.62 -8.73 8.48
N TYR E 28 -19.16 -7.53 8.25
CA TYR E 28 -19.86 -7.22 7.00
C TYR E 28 -19.36 -5.87 6.44
N PHE E 29 -18.95 -5.87 5.17
CA PHE E 29 -18.43 -4.65 4.58
C PHE E 29 -19.22 -4.18 3.37
N TYR E 30 -19.60 -2.91 3.38
CA TYR E 30 -20.29 -2.34 2.23
C TYR E 30 -19.23 -1.45 1.61
N ASN E 31 -18.88 -1.74 0.36
CA ASN E 31 -17.84 -1.00 -0.34
C ASN E 31 -16.54 -1.09 0.45
N GLN E 32 -16.23 -0.06 1.22
CA GLN E 32 -15.01 -0.11 1.99
C GLN E 32 -15.26 0.24 3.45
N GLU E 33 -16.53 0.22 3.83
CA GLU E 33 -16.91 0.52 5.20
C GLU E 33 -17.53 -0.70 5.84
N GLU E 34 -16.96 -1.17 6.94
CA GLU E 34 -17.51 -2.32 7.65
C GLU E 34 -18.77 -1.72 8.24
N SER E 35 -19.92 -2.37 8.07
CA SER E 35 -21.16 -1.79 8.59
C SER E 35 -21.68 -2.41 9.87
N VAL E 36 -21.54 -3.73 10.03
CA VAL E 36 -22.00 -4.38 11.25
C VAL E 36 -21.19 -5.65 11.53
N ARG E 37 -21.06 -6.00 12.79
CA ARG E 37 -20.30 -7.19 13.15
C ARG E 37 -20.65 -7.83 14.49
N PHE E 38 -20.37 -9.12 14.61
CA PHE E 38 -20.61 -9.84 15.84
C PHE E 38 -19.25 -10.31 16.31
N ASP E 39 -18.92 -10.04 17.56
CA ASP E 39 -17.65 -10.47 18.10
C ASP E 39 -17.96 -11.41 19.25
N SER E 40 -17.62 -12.68 19.09
CA SER E 40 -17.89 -13.69 20.11
C SER E 40 -17.54 -13.20 21.51
N ASP E 41 -16.48 -12.41 21.57
CA ASP E 41 -16.00 -11.86 22.83
C ASP E 41 -16.94 -10.82 23.44
N VAL E 42 -17.99 -10.45 22.72
CA VAL E 42 -18.90 -9.42 23.18
C VAL E 42 -20.26 -10.01 23.45
N GLY E 43 -20.66 -10.98 22.62
CA GLY E 43 -21.94 -11.61 22.81
C GLY E 43 -23.07 -11.15 21.93
N GLU E 44 -22.86 -10.03 21.23
CA GLU E 44 -23.93 -9.53 20.36
C GLU E 44 -23.44 -8.64 19.23
N PHE E 45 -24.32 -8.47 18.24
CA PHE E 45 -24.02 -7.64 17.10
C PHE E 45 -23.88 -6.18 17.49
N ARG E 46 -23.07 -5.45 16.73
CA ARG E 46 -22.85 -4.05 16.97
C ARG E 46 -22.71 -3.37 15.62
N ALA E 47 -23.22 -2.16 15.50
CA ALA E 47 -23.11 -1.42 14.26
C ALA E 47 -21.83 -0.61 14.33
N VAL E 48 -20.94 -0.81 13.37
CA VAL E 48 -19.71 -0.03 13.38
C VAL E 48 -20.01 1.33 12.78
N THR E 49 -20.78 1.32 11.69
CA THR E 49 -21.18 2.55 11.02
C THR E 49 -22.71 2.67 11.08
N GLU E 50 -23.22 3.89 11.11
CA GLU E 50 -24.65 4.09 11.18
C GLU E 50 -25.39 3.23 10.14
N LEU E 51 -24.72 2.88 9.05
CA LEU E 51 -25.36 2.08 7.98
C LEU E 51 -25.84 0.71 8.44
N GLY E 52 -25.24 0.19 9.51
CA GLY E 52 -25.61 -1.12 10.00
C GLY E 52 -26.61 -1.15 11.13
N ARG E 53 -26.89 0.01 11.71
CA ARG E 53 -27.86 0.13 12.79
C ARG E 53 -29.12 -0.73 12.56
N PRO E 54 -29.76 -0.59 11.39
CA PRO E 54 -30.96 -1.39 11.14
C PRO E 54 -30.79 -2.90 11.34
N ASP E 55 -29.65 -3.46 10.92
CA ASP E 55 -29.40 -4.90 11.07
C ASP E 55 -28.97 -5.27 12.50
N ALA E 56 -28.02 -4.53 13.05
CA ALA E 56 -27.54 -4.80 14.40
C ALA E 56 -28.71 -4.84 15.38
N GLU E 57 -29.68 -3.94 15.18
CA GLU E 57 -30.86 -3.86 16.06
C GLU E 57 -31.78 -5.04 15.84
N TYR E 58 -31.96 -5.41 14.58
CA TYR E 58 -32.83 -6.53 14.27
C TYR E 58 -32.24 -7.86 14.67
N TRP E 59 -31.10 -8.22 14.07
CA TRP E 59 -30.44 -9.49 14.37
C TRP E 59 -30.29 -9.70 15.87
N ASN E 60 -30.20 -8.60 16.61
CA ASN E 60 -30.07 -8.67 18.07
C ASN E 60 -31.40 -9.00 18.71
N SER E 61 -32.48 -8.70 17.99
CA SER E 61 -33.82 -8.99 18.48
C SER E 61 -34.18 -10.48 18.39
N GLN E 62 -33.69 -11.17 17.36
CA GLN E 62 -34.00 -12.59 17.17
C GLN E 62 -33.05 -13.55 17.89
N LYS E 63 -33.58 -14.34 18.81
CA LYS E 63 -32.83 -15.31 19.61
C LYS E 63 -32.08 -16.40 18.85
N ASP E 64 -32.70 -16.94 17.81
CA ASP E 64 -32.06 -18.00 17.04
C ASP E 64 -30.78 -17.52 16.35
N ILE E 65 -30.80 -16.29 15.86
CA ILE E 65 -29.64 -15.74 15.19
C ILE E 65 -28.55 -15.41 16.17
N LEU E 66 -28.92 -15.17 17.41
CA LEU E 66 -27.95 -14.87 18.44
C LEU E 66 -27.32 -16.17 18.95
N GLU E 67 -28.11 -17.24 19.06
CA GLU E 67 -27.60 -18.51 19.54
C GLU E 67 -26.70 -19.11 18.45
N GLN E 68 -27.16 -19.02 17.22
CA GLN E 68 -26.40 -19.53 16.08
C GLN E 68 -24.98 -18.93 16.13
N ALA E 69 -24.91 -17.61 16.34
CA ALA E 69 -23.66 -16.88 16.40
C ALA E 69 -22.83 -17.17 17.63
N ARG E 70 -23.47 -17.37 18.77
CA ARG E 70 -22.73 -17.64 20.00
C ARG E 70 -22.09 -19.02 20.04
N ALA E 71 -22.68 -19.97 19.31
CA ALA E 71 -22.18 -21.34 19.25
C ALA E 71 -21.12 -21.52 18.17
N ALA E 72 -21.04 -20.55 17.26
CA ALA E 72 -20.10 -20.58 16.15
C ALA E 72 -18.68 -21.00 16.55
N VAL E 73 -18.24 -20.50 17.69
CA VAL E 73 -16.91 -20.82 18.18
C VAL E 73 -16.71 -22.34 18.26
N ASP E 74 -17.77 -23.07 18.59
CA ASP E 74 -17.67 -24.51 18.70
C ASP E 74 -18.07 -25.20 17.40
N THR E 75 -19.35 -25.08 17.07
CA THR E 75 -19.92 -25.73 15.91
C THR E 75 -19.33 -25.36 14.54
N TYR E 76 -18.56 -24.27 14.47
CA TYR E 76 -18.00 -23.83 13.20
C TYR E 76 -16.49 -23.70 13.25
N CYS E 77 -16.02 -22.80 14.11
CA CYS E 77 -14.59 -22.56 14.23
C CYS E 77 -13.81 -23.81 14.61
N ARG E 78 -14.18 -24.46 15.72
CA ARG E 78 -13.47 -25.65 16.17
C ARG E 78 -13.60 -26.84 15.21
N HIS E 79 -14.82 -27.11 14.72
CA HIS E 79 -15.02 -28.20 13.78
C HIS E 79 -14.06 -28.06 12.61
N ASN E 80 -14.19 -26.96 11.87
CA ASN E 80 -13.36 -26.66 10.70
C ASN E 80 -11.84 -26.80 10.90
N TYR E 81 -11.32 -26.37 12.04
CA TYR E 81 -9.89 -26.47 12.34
C TYR E 81 -9.49 -27.95 12.39
N GLY E 82 -10.38 -28.78 12.92
CA GLY E 82 -10.10 -30.20 13.00
C GLY E 82 -10.15 -30.86 11.62
N VAL E 83 -10.95 -30.28 10.72
CA VAL E 83 -11.10 -30.81 9.38
C VAL E 83 -9.94 -30.51 8.47
N VAL E 84 -9.14 -29.50 8.82
CA VAL E 84 -8.02 -29.13 7.96
C VAL E 84 -6.67 -29.10 8.66
N GLU E 85 -6.67 -29.33 9.96
CA GLU E 85 -5.42 -29.31 10.69
C GLU E 85 -4.37 -30.21 10.02
N SER E 86 -4.79 -31.33 9.47
CA SER E 86 -3.84 -32.25 8.84
C SER E 86 -2.97 -31.72 7.71
N PHE E 87 -3.57 -30.98 6.80
CA PHE E 87 -2.84 -30.43 5.66
C PHE E 87 -2.55 -28.93 5.70
N THR E 88 -2.71 -28.32 6.87
CA THR E 88 -2.46 -26.89 7.00
C THR E 88 -1.62 -26.58 8.24
N VAL E 89 -2.20 -26.78 9.40
CA VAL E 89 -1.49 -26.51 10.65
C VAL E 89 -0.23 -27.35 10.77
N GLN E 90 -0.34 -28.60 10.30
CA GLN E 90 0.74 -29.57 10.35
C GLN E 90 1.61 -29.66 9.10
N ARG E 91 1.23 -28.91 8.06
CA ARG E 91 1.98 -28.93 6.82
C ARG E 91 3.38 -28.34 7.07
N ARG E 92 4.40 -29.06 6.62
CA ARG E 92 5.79 -28.65 6.79
C ARG E 92 6.60 -28.93 5.52
N VAL E 93 7.26 -27.88 5.02
CA VAL E 93 8.08 -27.97 3.82
C VAL E 93 9.41 -27.29 4.13
N GLN E 94 10.49 -28.00 3.86
CA GLN E 94 11.83 -27.49 4.14
C GLN E 94 12.38 -26.41 3.22
N PRO E 95 13.03 -25.39 3.81
CA PRO E 95 13.61 -24.29 3.04
C PRO E 95 14.68 -24.81 2.09
N LYS E 96 15.13 -23.95 1.19
CA LYS E 96 16.18 -24.30 0.25
C LYS E 96 17.11 -23.12 0.26
N VAL E 97 18.14 -23.19 1.09
CA VAL E 97 19.12 -22.13 1.23
C VAL E 97 20.27 -22.09 0.22
N THR E 98 20.56 -20.89 -0.26
CA THR E 98 21.62 -20.65 -1.24
C THR E 98 22.32 -19.38 -0.82
N VAL E 99 23.64 -19.38 -0.84
CA VAL E 99 24.39 -18.19 -0.47
C VAL E 99 25.25 -17.75 -1.65
N TYR E 100 25.26 -16.46 -1.94
CA TYR E 100 26.05 -15.96 -3.06
C TYR E 100 26.15 -14.45 -3.02
N PRO E 101 27.31 -13.92 -3.40
CA PRO E 101 27.45 -12.47 -3.39
C PRO E 101 26.88 -11.95 -4.70
N SER E 102 26.40 -10.70 -4.67
CA SER E 102 25.87 -10.08 -5.87
C SER E 102 27.10 -9.31 -6.31
N LYS E 103 27.29 -9.13 -7.61
CA LYS E 103 28.45 -8.40 -8.12
C LYS E 103 29.72 -9.19 -7.88
N THR E 104 30.35 -9.62 -8.95
CA THR E 104 31.61 -10.36 -8.85
C THR E 104 32.73 -9.31 -8.89
N GLN E 105 33.08 -8.81 -7.70
CA GLN E 105 34.11 -7.79 -7.54
C GLN E 105 35.39 -8.43 -6.94
N PRO E 106 36.52 -7.79 -7.14
CA PRO E 106 37.79 -8.29 -6.60
C PRO E 106 37.69 -8.21 -5.08
N LEU E 107 38.54 -8.97 -4.38
CA LEU E 107 38.52 -8.97 -2.91
C LEU E 107 38.94 -7.62 -2.31
N GLN E 108 38.39 -7.31 -1.13
CA GLN E 108 38.67 -6.07 -0.38
C GLN E 108 37.93 -4.79 -0.80
N HIS E 109 36.82 -4.94 -1.53
CA HIS E 109 35.99 -3.81 -1.95
C HIS E 109 34.69 -4.02 -1.19
N HIS E 110 33.69 -3.17 -1.41
CA HIS E 110 32.44 -3.40 -0.70
C HIS E 110 31.64 -4.44 -1.47
N ASN E 111 30.84 -5.22 -0.75
CA ASN E 111 30.04 -6.25 -1.38
C ASN E 111 28.74 -6.50 -0.66
N LEU E 112 27.86 -7.23 -1.31
CA LEU E 112 26.57 -7.57 -0.74
C LEU E 112 26.34 -9.06 -0.84
N LEU E 113 26.38 -9.75 0.31
CA LEU E 113 26.17 -11.19 0.38
C LEU E 113 24.71 -11.56 0.54
N VAL E 114 24.23 -12.40 -0.38
CA VAL E 114 22.83 -12.83 -0.39
C VAL E 114 22.53 -14.20 0.14
N CYS E 115 21.57 -14.27 1.07
CA CYS E 115 21.14 -15.56 1.59
C CYS E 115 19.73 -15.74 1.10
N SER E 116 19.57 -16.56 0.07
CA SER E 116 18.25 -16.81 -0.50
C SER E 116 17.55 -18.03 0.07
N VAL E 117 16.59 -17.80 0.95
CA VAL E 117 15.81 -18.87 1.55
C VAL E 117 14.53 -19.02 0.74
N SER E 118 14.28 -20.21 0.19
CA SER E 118 13.10 -20.37 -0.66
C SER E 118 12.32 -21.69 -0.60
N GLY E 119 11.06 -21.63 -0.98
CA GLY E 119 10.20 -22.81 -1.02
C GLY E 119 9.63 -23.38 0.27
N PHE E 120 9.77 -22.68 1.39
CA PHE E 120 9.27 -23.21 2.66
C PHE E 120 7.82 -22.99 3.10
N TYR E 121 7.46 -23.65 4.19
CA TYR E 121 6.14 -23.54 4.80
C TYR E 121 6.19 -24.29 6.13
N PRO E 122 5.70 -23.69 7.23
CA PRO E 122 5.09 -22.38 7.44
C PRO E 122 5.99 -21.18 7.17
N GLY E 123 5.43 -19.99 7.30
CA GLY E 123 6.18 -18.79 7.06
C GLY E 123 7.03 -18.31 8.23
N SER E 124 6.91 -18.97 9.38
CA SER E 124 7.70 -18.56 10.55
C SER E 124 9.14 -19.02 10.26
N ILE E 125 10.10 -18.10 10.34
CA ILE E 125 11.49 -18.45 10.06
C ILE E 125 12.49 -17.47 10.65
N GLU E 126 13.73 -17.90 10.82
CA GLU E 126 14.76 -17.03 11.36
C GLU E 126 16.09 -17.22 10.66
N VAL E 127 16.52 -16.18 9.95
CA VAL E 127 17.76 -16.19 9.21
C VAL E 127 18.78 -15.29 9.92
N ARG E 128 19.99 -15.80 10.14
CA ARG E 128 21.04 -15.04 10.81
C ARG E 128 22.35 -15.11 10.03
N TRP E 129 23.15 -14.05 10.14
CA TRP E 129 24.45 -13.99 9.46
C TRP E 129 25.58 -14.02 10.48
N PHE E 130 26.67 -14.73 10.17
CA PHE E 130 27.82 -14.82 11.07
C PHE E 130 29.09 -14.67 10.27
N LEU E 131 30.10 -14.02 10.87
CA LEU E 131 31.39 -13.84 10.21
C LEU E 131 32.40 -14.50 11.13
N ASN E 132 33.03 -15.55 10.63
CA ASN E 132 34.00 -16.30 11.41
C ASN E 132 33.43 -16.64 12.79
N GLY E 133 32.30 -17.33 12.76
CA GLY E 133 31.64 -17.76 13.98
C GLY E 133 31.01 -16.71 14.87
N GLN E 134 31.26 -15.44 14.57
CA GLN E 134 30.68 -14.38 15.38
C GLN E 134 29.49 -13.77 14.65
N GLU E 135 28.36 -13.67 15.35
CA GLU E 135 27.15 -13.12 14.76
C GLU E 135 27.20 -11.65 14.41
N GLU E 136 26.87 -11.33 13.16
CA GLU E 136 26.85 -9.96 12.68
C GLU E 136 25.47 -9.42 13.00
N LYS E 137 25.38 -8.39 13.82
CA LYS E 137 24.08 -7.85 14.15
C LYS E 137 23.75 -6.55 13.42
N ALA E 138 24.65 -6.13 12.53
CA ALA E 138 24.43 -4.92 11.76
C ALA E 138 24.74 -5.11 10.26
N GLY E 139 24.19 -4.22 9.43
CA GLY E 139 24.46 -4.28 8.00
C GLY E 139 23.59 -5.24 7.20
N MET E 140 22.54 -5.75 7.83
CA MET E 140 21.67 -6.67 7.12
C MET E 140 20.46 -5.99 6.52
N VAL E 141 20.21 -6.28 5.23
CA VAL E 141 19.07 -5.73 4.52
C VAL E 141 18.22 -6.94 4.11
N SER E 142 17.00 -7.03 4.62
CA SER E 142 16.12 -8.16 4.30
C SER E 142 14.94 -7.74 3.47
N THR E 143 14.38 -8.69 2.73
CA THR E 143 13.24 -8.42 1.89
C THR E 143 11.95 -8.75 2.64
N GLY E 144 12.09 -9.37 3.82
CA GLY E 144 10.91 -9.73 4.58
C GLY E 144 10.32 -10.99 3.98
N LEU E 145 9.22 -11.46 4.56
CA LEU E 145 8.57 -12.68 4.10
C LEU E 145 7.74 -12.43 2.85
N ILE E 146 7.87 -13.31 1.86
CA ILE E 146 7.13 -13.17 0.62
C ILE E 146 6.24 -14.38 0.39
N GLN E 147 4.94 -14.15 0.24
CA GLN E 147 4.00 -15.24 0.03
C GLN E 147 3.86 -15.57 -1.46
N ASN E 148 4.35 -16.73 -1.91
CA ASN E 148 4.26 -17.11 -3.32
C ASN E 148 2.85 -17.47 -3.76
N GLY E 149 1.95 -17.62 -2.79
CA GLY E 149 0.57 -17.92 -3.10
C GLY E 149 0.22 -19.36 -3.42
N ASP E 150 1.22 -20.23 -3.41
CA ASP E 150 1.00 -21.65 -3.70
C ASP E 150 1.33 -22.48 -2.46
N TRP E 151 1.24 -21.86 -1.30
CA TRP E 151 1.51 -22.49 -0.03
C TRP E 151 2.98 -22.70 0.30
N THR E 152 3.81 -21.80 -0.24
CA THR E 152 5.26 -21.80 0.02
C THR E 152 5.64 -20.31 0.15
N PHE E 153 6.78 -20.04 0.77
CA PHE E 153 7.26 -18.68 0.97
C PHE E 153 8.68 -18.56 0.47
N GLN E 154 9.24 -17.37 0.53
CA GLN E 154 10.62 -17.15 0.15
C GLN E 154 11.07 -15.87 0.79
N THR E 155 12.37 -15.67 0.95
CA THR E 155 12.87 -14.45 1.58
C THR E 155 14.37 -14.33 1.29
N LEU E 156 14.86 -13.11 1.32
CA LEU E 156 16.27 -12.88 1.06
C LEU E 156 16.80 -11.99 2.16
N VAL E 157 17.98 -12.31 2.64
CA VAL E 157 18.58 -11.52 3.69
C VAL E 157 20.01 -11.30 3.23
N MET E 158 20.38 -10.03 3.13
CA MET E 158 21.71 -9.69 2.68
C MET E 158 22.48 -8.99 3.74
N LEU E 159 23.78 -9.06 3.57
CA LEU E 159 24.70 -8.46 4.51
C LEU E 159 25.72 -7.69 3.71
N GLU E 160 26.00 -6.47 4.18
CA GLU E 160 26.99 -5.63 3.52
C GLU E 160 28.33 -6.00 4.14
N THR E 161 29.28 -6.35 3.29
CA THR E 161 30.59 -6.73 3.78
C THR E 161 31.74 -6.12 3.00
N VAL E 162 32.88 -6.10 3.65
CA VAL E 162 34.12 -5.64 3.04
C VAL E 162 34.96 -6.88 3.33
N PRO E 163 34.93 -7.85 2.41
CA PRO E 163 35.63 -9.14 2.44
C PRO E 163 37.15 -9.08 2.42
N ARG E 164 37.74 -9.88 3.29
CA ARG E 164 39.18 -9.96 3.44
C ARG E 164 39.52 -11.45 3.42
N SER E 165 40.70 -11.76 2.88
CA SER E 165 41.21 -13.13 2.78
C SER E 165 40.97 -13.98 4.02
N GLY E 166 40.53 -15.21 3.78
CA GLY E 166 40.28 -16.14 4.86
C GLY E 166 39.09 -15.89 5.76
N GLU E 167 38.24 -14.92 5.42
CA GLU E 167 37.07 -14.68 6.24
C GLU E 167 36.05 -15.72 5.78
N VAL E 168 35.33 -16.30 6.72
CA VAL E 168 34.33 -17.29 6.36
C VAL E 168 33.00 -16.82 6.91
N TYR E 169 32.04 -16.64 6.00
CA TYR E 169 30.70 -16.18 6.38
C TYR E 169 29.71 -17.32 6.37
N THR E 170 28.75 -17.26 7.29
CA THR E 170 27.74 -18.31 7.41
C THR E 170 26.30 -17.83 7.56
N CYS E 171 25.40 -18.40 6.76
CA CYS E 171 23.98 -18.07 6.86
C CYS E 171 23.33 -19.21 7.62
N GLN E 172 22.69 -18.90 8.73
CA GLN E 172 22.04 -19.93 9.53
C GLN E 172 20.54 -19.76 9.57
N VAL E 173 19.82 -20.76 9.08
CA VAL E 173 18.36 -20.70 9.03
C VAL E 173 17.70 -21.60 10.09
N GLU E 174 16.60 -21.13 10.66
CA GLU E 174 15.83 -21.87 11.68
C GLU E 174 14.39 -21.94 11.22
N HIS E 175 13.80 -23.13 11.28
CA HIS E 175 12.45 -23.31 10.78
C HIS E 175 11.81 -24.56 11.38
N PRO E 176 10.54 -24.48 11.76
CA PRO E 176 9.86 -25.64 12.35
C PRO E 176 9.93 -26.95 11.53
N SER E 177 10.36 -26.89 10.29
CA SER E 177 10.42 -28.11 9.47
C SER E 177 11.79 -28.77 9.53
N VAL E 178 12.62 -28.29 10.45
CA VAL E 178 13.99 -28.76 10.60
C VAL E 178 14.32 -28.76 12.10
N THR E 179 14.84 -29.88 12.60
CA THR E 179 15.17 -29.99 14.03
C THR E 179 16.39 -29.15 14.40
N SER E 180 17.45 -29.25 13.62
CA SER E 180 18.66 -28.47 13.89
C SER E 180 18.86 -27.50 12.72
N PRO E 181 19.11 -26.22 13.04
CA PRO E 181 19.32 -25.16 12.04
C PRO E 181 20.20 -25.55 10.85
N LEU E 182 19.82 -25.06 9.66
CA LEU E 182 20.57 -25.31 8.45
C LEU E 182 21.61 -24.21 8.35
N THR E 183 22.75 -24.54 7.77
CA THR E 183 23.78 -23.52 7.60
C THR E 183 24.44 -23.71 6.26
N VAL E 184 24.93 -22.63 5.70
CA VAL E 184 25.63 -22.70 4.44
C VAL E 184 26.62 -21.56 4.47
N GLU E 185 27.88 -21.88 4.21
CA GLU E 185 28.94 -20.89 4.25
C GLU E 185 29.38 -20.37 2.91
N TRP E 186 30.23 -19.36 2.98
CA TRP E 186 30.81 -18.75 1.80
C TRP E 186 32.19 -18.29 2.24
N ARG E 187 33.22 -18.75 1.54
CA ARG E 187 34.60 -18.40 1.87
C ARG E 187 35.15 -17.31 0.95
N ALA E 188 35.73 -16.27 1.55
CA ALA E 188 36.30 -15.15 0.83
C ALA E 188 37.30 -15.64 -0.21
N ARG E 189 36.77 -15.95 -1.40
CA ARG E 189 37.54 -16.47 -2.53
C ARG E 189 38.98 -15.98 -2.61
N ASN F 2 -14.56 -36.36 2.72
CA ASN F 2 -14.02 -36.98 3.97
C ASN F 2 -14.56 -36.05 5.07
N PRO F 3 -13.79 -35.75 6.14
CA PRO F 3 -14.46 -34.84 7.07
C PRO F 3 -14.96 -33.61 6.31
N VAL F 4 -16.05 -32.98 6.76
CA VAL F 4 -16.62 -31.85 6.06
C VAL F 4 -16.45 -30.45 6.62
N VAL F 5 -16.19 -29.51 5.71
CA VAL F 5 -16.04 -28.10 6.09
C VAL F 5 -17.45 -27.50 6.20
N HIS F 6 -17.72 -26.85 7.32
CA HIS F 6 -19.00 -26.22 7.54
C HIS F 6 -18.91 -24.77 7.12
N PHE F 7 -19.91 -24.31 6.39
CA PHE F 7 -19.92 -22.92 5.98
C PHE F 7 -20.93 -22.22 6.85
N PHE F 8 -20.74 -20.93 7.07
CA PHE F 8 -21.64 -20.13 7.89
C PHE F 8 -22.78 -19.68 6.97
N LYS F 9 -23.99 -20.17 7.24
CA LYS F 9 -25.16 -19.83 6.42
C LYS F 9 -25.54 -18.34 6.48
N ASN F 10 -25.80 -17.78 5.30
CA ASN F 10 -26.19 -16.37 5.17
C ASN F 10 -27.68 -16.21 5.35
N ILE F 11 -28.09 -15.05 5.84
CA ILE F 11 -29.51 -14.72 6.02
C ILE F 11 -29.78 -13.30 5.47
N VAL F 12 -31.00 -13.07 5.00
CA VAL F 12 -31.35 -11.75 4.43
C VAL F 12 -31.53 -10.68 5.51
N THR F 13 -32.00 -9.51 5.12
CA THR F 13 -32.18 -8.45 6.09
C THR F 13 -33.30 -7.48 5.76
N PRO F 14 -34.40 -7.53 6.55
CA PRO F 14 -35.57 -6.64 6.38
C PRO F 14 -35.08 -5.23 5.95
N ARG F 15 -35.65 -4.76 4.86
CA ARG F 15 -35.26 -3.59 4.11
C ARG F 15 -35.99 -2.25 4.11
#